data_3FX6
#
_entry.id   3FX6
#
_cell.length_a   73.356
_cell.length_b   59.752
_cell.length_c   99.514
_cell.angle_alpha   90.00
_cell.angle_beta   104.04
_cell.angle_gamma   90.00
#
_symmetry.space_group_name_H-M   'P 1 21 1'
#
loop_
_entity.id
_entity.type
_entity.pdbx_description
1 polymer 'Carboxypeptidase A1'
2 non-polymer 'ZINC ION'
3 non-polymer '(2R)-4,4-dihydroxy-5-nitro-2-(phenylmethyl)pentanoic acid'
4 water water
#
_entity_poly.entity_id   1
_entity_poly.type   'polypeptide(L)'
_entity_poly.pdbx_seq_one_letter_code
;ARSTNTFNYATYHTLDEIYDFMDLLVAEHPQLVSKLQIGRSYEGRPIYVLKFSTGGSNRPAIWIDLGIHSREWITQATGV
WFAKKFTEDYGQDPSFTAILDSMDIFLEIVTNPDGFAFTHSQNRLWRKTRSVTSSSLCVGVDANRNWDAGFGKAGASSSP
CSETYHGKYANSEVEVKSIVDFVKDHGNFKAFLSIHSYSQLLLYPYGYTTQSIPDKTELNQVAKSAVEALKSLYGTSYKY
GSIITTIYQASGGSIDWSYNQGIKYSFTFELRDTGRYGFLLPASQIIPTAQETWLGVLTIMEHTVNN
;
_entity_poly.pdbx_strand_id   A,C,E
#
loop_
_chem_comp.id
_chem_comp.type
_chem_comp.name
_chem_comp.formula
BPX non-polymer '(2R)-4,4-dihydroxy-5-nitro-2-(phenylmethyl)pentanoic acid' 'C12 H15 N O6'
ZN non-polymer 'ZINC ION' 'Zn 2'
#
# COMPACT_ATOMS: atom_id res chain seq x y z
N ALA A 1 2.11 13.93 6.06
CA ALA A 1 1.86 15.39 6.19
C ALA A 1 1.56 15.77 7.63
N ARG A 2 2.36 16.69 8.17
CA ARG A 2 2.19 17.13 9.55
C ARG A 2 1.34 18.39 9.61
N SER A 3 0.69 18.72 8.50
CA SER A 3 -0.16 19.89 8.40
C SER A 3 -1.04 19.72 7.19
N THR A 4 -2.25 20.27 7.22
CA THR A 4 -3.14 20.15 6.08
C THR A 4 -2.55 20.98 4.94
N ASN A 5 -1.49 21.72 5.25
CA ASN A 5 -0.81 22.55 4.27
C ASN A 5 0.31 21.78 3.58
N THR A 6 0.59 20.57 4.07
CA THR A 6 1.63 19.74 3.46
C THR A 6 0.97 18.50 2.89
N PHE A 7 -0.34 18.37 3.09
CA PHE A 7 -1.10 17.25 2.58
C PHE A 7 -1.15 17.40 1.06
N ASN A 8 -0.94 16.30 0.34
CA ASN A 8 -0.96 16.33 -1.11
C ASN A 8 -2.38 16.13 -1.62
N TYR A 9 -3.06 17.20 -2.00
CA TYR A 9 -4.43 17.10 -2.48
C TYR A 9 -4.52 16.58 -3.92
N ALA A 10 -3.38 16.53 -4.60
CA ALA A 10 -3.34 16.07 -5.99
C ALA A 10 -2.99 14.58 -6.12
N THR A 11 -3.14 13.84 -5.04
CA THR A 11 -2.87 12.41 -5.07
C THR A 11 -3.92 11.67 -4.26
N TYR A 12 -4.11 10.39 -4.57
CA TYR A 12 -5.07 9.57 -3.86
C TYR A 12 -4.44 9.03 -2.57
N HIS A 13 -5.24 8.96 -1.51
CA HIS A 13 -4.76 8.51 -0.23
C HIS A 13 -5.47 7.28 0.33
N THR A 14 -4.89 6.75 1.41
CA THR A 14 -5.42 5.58 2.09
C THR A 14 -6.38 6.01 3.19
N LEU A 15 -7.07 5.06 3.80
CA LEU A 15 -7.99 5.39 4.88
C LEU A 15 -7.24 6.06 6.04
N ASP A 16 -6.10 5.51 6.41
CA ASP A 16 -5.32 6.08 7.50
C ASP A 16 -4.92 7.52 7.25
N GLU A 17 -4.46 7.81 6.04
CA GLU A 17 -4.03 9.15 5.69
C GLU A 17 -5.19 10.14 5.74
N ILE A 18 -6.38 9.71 5.35
CA ILE A 18 -7.54 10.59 5.37
C ILE A 18 -8.01 10.81 6.81
N TYR A 19 -7.98 9.77 7.63
CA TYR A 19 -8.40 9.92 9.01
C TYR A 19 -7.41 10.83 9.75
N ASP A 20 -6.14 10.76 9.38
CA ASP A 20 -5.15 11.63 10.01
C ASP A 20 -5.41 13.06 9.55
N PHE A 21 -5.77 13.20 8.29
CA PHE A 21 -6.09 14.52 7.73
C PHE A 21 -7.17 15.17 8.58
N MET A 22 -8.18 14.38 8.96
CA MET A 22 -9.28 14.89 9.77
C MET A 22 -8.81 15.53 11.07
N ASP A 23 -7.95 14.82 11.80
CA ASP A 23 -7.45 15.35 13.07
C ASP A 23 -6.60 16.60 12.90
N LEU A 24 -5.82 16.66 11.82
CA LEU A 24 -4.99 17.82 11.54
C LEU A 24 -5.87 19.05 11.33
N LEU A 25 -6.93 18.88 10.53
CA LEU A 25 -7.82 19.99 10.23
C LEU A 25 -8.52 20.50 11.49
N VAL A 26 -8.97 19.57 12.34
CA VAL A 26 -9.63 19.93 13.58
C VAL A 26 -8.66 20.63 14.52
N ALA A 27 -7.43 20.15 14.57
CA ALA A 27 -6.41 20.76 15.41
C ALA A 27 -6.12 22.18 14.93
N GLU A 28 -6.03 22.34 13.61
CA GLU A 28 -5.74 23.63 12.99
C GLU A 28 -6.90 24.63 13.00
N HIS A 29 -8.14 24.13 13.05
CA HIS A 29 -9.31 24.99 13.04
C HIS A 29 -10.35 24.52 14.07
N PRO A 30 -9.95 24.47 15.36
CA PRO A 30 -10.81 24.04 16.48
C PRO A 30 -12.12 24.77 16.69
N GLN A 31 -12.20 26.03 16.31
CA GLN A 31 -13.43 26.78 16.51
C GLN A 31 -14.39 26.61 15.35
N LEU A 32 -13.94 25.93 14.30
CA LEU A 32 -14.76 25.73 13.11
C LEU A 32 -15.09 24.27 12.81
N VAL A 33 -14.13 23.38 12.97
CA VAL A 33 -14.35 21.98 12.66
C VAL A 33 -14.20 20.99 13.80
N SER A 34 -15.08 19.99 13.83
CA SER A 34 -15.03 18.96 14.85
C SER A 34 -15.25 17.60 14.20
N LYS A 35 -14.71 16.55 14.81
CA LYS A 35 -14.85 15.21 14.28
C LYS A 35 -15.83 14.39 15.11
N LEU A 36 -16.88 13.91 14.46
CA LEU A 36 -17.91 13.12 15.12
C LEU A 36 -17.88 11.67 14.64
N GLN A 37 -18.01 10.74 15.58
CA GLN A 37 -18.06 9.34 15.17
C GLN A 37 -19.53 8.98 15.23
N ILE A 38 -20.13 8.65 14.10
CA ILE A 38 -21.55 8.32 14.05
C ILE A 38 -21.84 6.83 14.11
N GLY A 39 -20.81 6.01 14.23
CA GLY A 39 -21.02 4.57 14.31
C GLY A 39 -19.75 3.81 13.98
N ARG A 40 -19.87 2.51 13.79
CA ARG A 40 -18.73 1.67 13.44
C ARG A 40 -19.14 0.84 12.22
N SER A 41 -18.21 0.66 11.29
CA SER A 41 -18.50 -0.11 10.08
C SER A 41 -18.67 -1.58 10.45
N TYR A 42 -19.04 -2.38 9.47
CA TYR A 42 -19.23 -3.80 9.69
C TYR A 42 -17.99 -4.41 10.32
N GLU A 43 -16.82 -4.00 9.84
CA GLU A 43 -15.56 -4.52 10.34
C GLU A 43 -15.01 -3.74 11.52
N GLY A 44 -15.87 -2.97 12.18
CA GLY A 44 -15.46 -2.22 13.36
C GLY A 44 -14.72 -0.90 13.22
N ARG A 45 -14.51 -0.44 11.98
CA ARG A 45 -13.80 0.82 11.81
C ARG A 45 -14.70 1.99 12.17
N PRO A 46 -14.13 3.03 12.78
CA PRO A 46 -14.96 4.18 13.15
C PRO A 46 -15.47 4.88 11.89
N ILE A 47 -16.70 5.38 11.96
CA ILE A 47 -17.31 6.11 10.86
C ILE A 47 -17.28 7.58 11.29
N TYR A 48 -16.53 8.39 10.57
CA TYR A 48 -16.36 9.80 10.90
C TYR A 48 -17.07 10.83 10.01
N VAL A 49 -17.62 11.84 10.66
CA VAL A 49 -18.29 12.96 10.00
C VAL A 49 -17.64 14.22 10.55
N LEU A 50 -17.21 15.10 9.65
CA LEU A 50 -16.61 16.36 10.07
C LEU A 50 -17.73 17.39 10.11
N LYS A 51 -17.86 18.07 11.24
CA LYS A 51 -18.89 19.07 11.42
C LYS A 51 -18.30 20.46 11.33
N PHE A 52 -18.80 21.25 10.39
CA PHE A 52 -18.34 22.62 10.23
C PHE A 52 -19.43 23.53 10.77
N SER A 53 -19.11 24.28 11.81
CA SER A 53 -20.08 25.16 12.44
C SER A 53 -19.41 26.36 13.09
N THR A 54 -20.09 27.50 13.07
CA THR A 54 -19.53 28.70 13.68
C THR A 54 -20.29 28.99 14.98
N GLY A 55 -21.13 28.06 15.40
CA GLY A 55 -21.88 28.23 16.63
C GLY A 55 -23.34 27.86 16.52
N GLY A 56 -24.15 28.45 17.39
CA GLY A 56 -25.58 28.19 17.38
C GLY A 56 -25.94 26.82 17.94
N SER A 57 -27.23 26.55 18.04
CA SER A 57 -27.69 25.28 18.57
C SER A 57 -28.47 24.55 17.47
N ASN A 58 -27.84 23.51 16.91
CA ASN A 58 -28.43 22.73 15.84
C ASN A 58 -29.04 23.62 14.76
N ARG A 59 -28.17 24.42 14.14
CA ARG A 59 -28.56 25.33 13.08
C ARG A 59 -28.92 24.54 11.84
N PRO A 60 -29.71 25.14 10.93
CA PRO A 60 -30.10 24.45 9.70
C PRO A 60 -28.82 23.83 9.14
N ALA A 61 -28.90 22.61 8.64
CA ALA A 61 -27.70 21.96 8.15
C ALA A 61 -27.70 21.41 6.73
N ILE A 62 -26.49 21.15 6.25
CA ILE A 62 -26.26 20.60 4.93
C ILE A 62 -25.48 19.30 5.10
N TRP A 63 -26.01 18.22 4.56
CA TRP A 63 -25.34 16.93 4.65
C TRP A 63 -24.67 16.58 3.33
N ILE A 64 -23.44 16.10 3.39
CA ILE A 64 -22.71 15.71 2.19
C ILE A 64 -21.96 14.43 2.46
N ASP A 65 -22.35 13.36 1.77
CA ASP A 65 -21.69 12.08 1.94
C ASP A 65 -20.95 11.73 0.66
N LEU A 66 -19.76 11.16 0.82
CA LEU A 66 -18.94 10.78 -0.32
C LEU A 66 -18.40 9.37 -0.09
N GLY A 67 -18.01 8.70 -1.17
CA GLY A 67 -17.46 7.37 -1.06
C GLY A 67 -18.34 6.24 -0.54
N ILE A 68 -19.65 6.31 -0.79
CA ILE A 68 -20.51 5.23 -0.31
C ILE A 68 -20.17 3.99 -1.16
N HIS A 69 -19.72 4.24 -2.39
CA HIS A 69 -19.27 3.20 -3.31
C HIS A 69 -17.75 3.35 -3.28
N SER A 70 -17.08 2.42 -2.62
CA SER A 70 -15.64 2.50 -2.42
C SER A 70 -14.70 2.76 -3.60
N ARG A 71 -14.96 2.16 -4.75
CA ARG A 71 -14.07 2.36 -5.91
C ARG A 71 -14.14 3.75 -6.55
N GLU A 72 -15.14 4.54 -6.17
CA GLU A 72 -15.29 5.88 -6.71
C GLU A 72 -14.35 6.88 -6.02
N TRP A 73 -13.06 6.57 -6.13
CA TRP A 73 -11.97 7.33 -5.51
C TRP A 73 -11.96 8.83 -5.66
N ILE A 74 -12.44 9.33 -6.80
CA ILE A 74 -12.46 10.78 -7.00
C ILE A 74 -13.33 11.46 -5.94
N THR A 75 -14.31 10.74 -5.40
CA THR A 75 -15.19 11.33 -4.40
C THR A 75 -14.51 11.50 -3.03
N GLN A 76 -13.81 10.49 -2.53
CA GLN A 76 -13.14 10.67 -1.24
C GLN A 76 -12.07 11.76 -1.38
N ALA A 77 -11.39 11.76 -2.53
CA ALA A 77 -10.35 12.76 -2.78
C ALA A 77 -10.97 14.16 -2.82
N THR A 78 -12.17 14.26 -3.38
CA THR A 78 -12.87 15.53 -3.45
C THR A 78 -13.37 15.93 -2.07
N GLY A 79 -13.75 14.94 -1.26
CA GLY A 79 -14.23 15.23 0.08
C GLY A 79 -13.14 15.86 0.93
N VAL A 80 -11.93 15.36 0.77
CA VAL A 80 -10.78 15.90 1.52
C VAL A 80 -10.55 17.34 1.09
N TRP A 81 -10.60 17.58 -0.22
CA TRP A 81 -10.39 18.92 -0.76
C TRP A 81 -11.48 19.84 -0.24
N PHE A 82 -12.73 19.36 -0.23
CA PHE A 82 -13.87 20.13 0.28
C PHE A 82 -13.58 20.58 1.71
N ALA A 83 -13.17 19.62 2.54
CA ALA A 83 -12.88 19.90 3.95
C ALA A 83 -11.89 21.05 4.11
N LYS A 84 -10.81 21.01 3.36
CA LYS A 84 -9.79 22.04 3.41
C LYS A 84 -10.34 23.37 2.88
N LYS A 85 -11.08 23.30 1.78
CA LYS A 85 -11.66 24.49 1.16
C LYS A 85 -12.59 25.25 2.11
N PHE A 86 -13.38 24.52 2.90
CA PHE A 86 -14.28 25.19 3.83
C PHE A 86 -13.50 26.07 4.81
N THR A 87 -12.39 25.54 5.32
CA THR A 87 -11.57 26.28 6.28
C THR A 87 -10.81 27.44 5.65
N GLU A 88 -10.57 27.33 4.34
CA GLU A 88 -9.86 28.37 3.60
C GLU A 88 -10.78 29.52 3.22
N ASP A 89 -11.99 29.19 2.75
CA ASP A 89 -12.93 30.22 2.32
C ASP A 89 -13.78 30.89 3.39
N TYR A 90 -13.91 30.27 4.56
CA TYR A 90 -14.71 30.91 5.59
C TYR A 90 -13.99 32.17 6.06
N GLY A 91 -14.64 33.32 5.87
CA GLY A 91 -14.02 34.58 6.26
C GLY A 91 -13.20 35.18 5.14
N GLN A 92 -13.26 34.55 3.97
CA GLN A 92 -12.51 35.00 2.80
C GLN A 92 -13.51 35.22 1.66
N ASP A 93 -14.40 34.24 1.44
CA ASP A 93 -15.42 34.35 0.40
C ASP A 93 -16.74 34.79 1.02
N PRO A 94 -17.25 35.97 0.62
CA PRO A 94 -18.51 36.51 1.14
C PRO A 94 -19.66 35.50 1.19
N SER A 95 -19.93 34.86 0.06
CA SER A 95 -21.03 33.89 0.00
C SER A 95 -20.91 32.72 0.95
N PHE A 96 -19.79 32.00 0.87
CA PHE A 96 -19.61 30.84 1.74
C PHE A 96 -19.56 31.25 3.21
N THR A 97 -19.04 32.44 3.48
CA THR A 97 -18.96 32.90 4.86
C THR A 97 -20.37 33.13 5.40
N ALA A 98 -21.25 33.63 4.55
CA ALA A 98 -22.64 33.90 4.94
C ALA A 98 -23.36 32.59 5.26
N ILE A 99 -23.08 31.56 4.45
CA ILE A 99 -23.69 30.26 4.64
C ILE A 99 -23.29 29.68 5.99
N LEU A 100 -21.99 29.63 6.25
CA LEU A 100 -21.49 29.05 7.50
C LEU A 100 -21.83 29.88 8.74
N ASP A 101 -22.13 31.17 8.57
CA ASP A 101 -22.49 32.00 9.70
C ASP A 101 -23.93 31.73 10.15
N SER A 102 -24.70 31.03 9.31
CA SER A 102 -26.08 30.72 9.64
C SER A 102 -26.43 29.23 9.58
N MET A 103 -25.56 28.44 8.94
CA MET A 103 -25.80 27.01 8.78
C MET A 103 -24.57 26.15 9.11
N ASP A 104 -24.82 24.87 9.42
CA ASP A 104 -23.75 23.93 9.71
C ASP A 104 -23.62 22.99 8.52
N ILE A 105 -22.43 22.45 8.32
CA ILE A 105 -22.21 21.52 7.24
C ILE A 105 -21.64 20.23 7.84
N PHE A 106 -22.22 19.09 7.47
CA PHE A 106 -21.75 17.80 7.96
C PHE A 106 -21.21 17.04 6.76
N LEU A 107 -19.91 16.76 6.80
CA LEU A 107 -19.22 16.09 5.70
C LEU A 107 -18.69 14.70 6.04
N GLU A 108 -19.19 13.68 5.34
CA GLU A 108 -18.69 12.32 5.56
C GLU A 108 -17.87 11.95 4.33
N ILE A 109 -16.55 12.01 4.48
CA ILE A 109 -15.61 11.73 3.40
C ILE A 109 -15.55 10.27 2.96
N VAL A 110 -15.58 9.35 3.91
CA VAL A 110 -15.51 7.93 3.60
C VAL A 110 -16.70 7.22 4.23
N THR A 111 -17.81 7.20 3.51
CA THR A 111 -19.04 6.59 3.99
C THR A 111 -18.96 5.07 4.09
N ASN A 112 -18.11 4.45 3.28
CA ASN A 112 -17.93 3.00 3.24
C ASN A 112 -16.43 2.71 3.48
N PRO A 113 -15.96 2.85 4.73
CA PRO A 113 -14.55 2.60 5.00
C PRO A 113 -14.00 1.20 4.78
N ASP A 114 -14.80 0.16 5.02
CA ASP A 114 -14.31 -1.20 4.82
C ASP A 114 -14.04 -1.45 3.33
N GLY A 115 -14.96 -0.98 2.49
CA GLY A 115 -14.79 -1.15 1.06
C GLY A 115 -13.59 -0.33 0.60
N PHE A 116 -13.42 0.85 1.18
CA PHE A 116 -12.30 1.71 0.79
C PHE A 116 -10.99 0.99 1.08
N ALA A 117 -10.86 0.47 2.29
CA ALA A 117 -9.65 -0.26 2.67
C ALA A 117 -9.42 -1.39 1.67
N PHE A 118 -10.51 -2.07 1.30
CA PHE A 118 -10.44 -3.18 0.36
C PHE A 118 -9.98 -2.76 -1.04
N THR A 119 -10.34 -1.55 -1.48
CA THR A 119 -9.93 -1.11 -2.81
C THR A 119 -8.44 -0.86 -2.84
N HIS A 120 -7.85 -0.63 -1.66
CA HIS A 120 -6.41 -0.40 -1.55
C HIS A 120 -5.65 -1.70 -1.35
N SER A 121 -6.30 -2.66 -0.71
CA SER A 121 -5.69 -3.94 -0.38
C SER A 121 -5.82 -5.10 -1.35
N GLN A 122 -7.05 -5.33 -1.82
CA GLN A 122 -7.32 -6.48 -2.69
C GLN A 122 -7.95 -6.24 -4.04
N ASN A 123 -8.87 -5.28 -4.11
CA ASN A 123 -9.60 -5.03 -5.34
C ASN A 123 -9.91 -3.55 -5.53
N ARG A 124 -9.20 -2.91 -6.45
CA ARG A 124 -9.38 -1.49 -6.74
C ARG A 124 -10.79 -1.15 -7.21
N LEU A 125 -11.49 -2.09 -7.82
CA LEU A 125 -12.84 -1.82 -8.32
C LEU A 125 -13.98 -2.33 -7.43
N TRP A 126 -13.68 -2.66 -6.18
CA TRP A 126 -14.74 -3.14 -5.28
C TRP A 126 -15.65 -1.96 -4.98
N ARG A 127 -16.96 -2.18 -4.93
CA ARG A 127 -17.89 -1.07 -4.69
C ARG A 127 -18.83 -1.21 -3.50
N LYS A 128 -19.13 -2.45 -3.13
CA LYS A 128 -20.06 -2.70 -2.02
C LYS A 128 -19.42 -2.60 -0.64
N THR A 129 -20.20 -2.92 0.38
CA THR A 129 -19.69 -2.91 1.75
C THR A 129 -18.94 -4.24 1.86
N ARG A 130 -18.56 -4.62 3.06
CA ARG A 130 -17.85 -5.87 3.26
C ARG A 130 -18.57 -6.77 4.24
N SER A 131 -19.89 -6.61 4.36
CA SER A 131 -20.65 -7.44 5.27
C SER A 131 -20.86 -8.85 4.76
N VAL A 132 -20.90 -9.81 5.68
CA VAL A 132 -21.14 -11.21 5.35
C VAL A 132 -22.38 -11.50 6.18
N THR A 133 -23.38 -12.13 5.59
CA THR A 133 -24.63 -12.37 6.30
C THR A 133 -25.17 -13.79 6.46
N SER A 134 -26.03 -14.21 5.55
CA SER A 134 -26.64 -15.53 5.67
C SER A 134 -25.86 -16.71 5.12
N SER A 135 -26.57 -17.56 4.39
CA SER A 135 -25.98 -18.74 3.80
C SER A 135 -25.57 -18.36 2.39
N SER A 136 -24.58 -17.49 2.29
CA SER A 136 -24.08 -17.04 1.00
C SER A 136 -22.58 -16.84 1.02
N LEU A 137 -21.91 -17.32 -0.03
CA LEU A 137 -20.46 -17.18 -0.16
C LEU A 137 -20.08 -15.71 -0.33
N CYS A 138 -20.73 -15.07 -1.30
CA CYS A 138 -20.45 -13.67 -1.63
C CYS A 138 -20.51 -12.69 -0.46
N VAL A 139 -19.87 -11.53 -0.64
CA VAL A 139 -19.80 -10.51 0.40
C VAL A 139 -20.21 -9.12 -0.06
N GLY A 140 -20.70 -8.32 0.89
CA GLY A 140 -21.06 -6.95 0.59
C GLY A 140 -22.41 -6.63 -0.01
N VAL A 141 -22.84 -5.41 0.26
CA VAL A 141 -24.12 -4.88 -0.23
C VAL A 141 -23.87 -3.54 -0.90
N ASP A 142 -24.68 -3.20 -1.90
CA ASP A 142 -24.56 -1.91 -2.56
C ASP A 142 -25.26 -0.98 -1.56
N ALA A 143 -24.48 -0.28 -0.73
CA ALA A 143 -25.05 0.60 0.27
C ALA A 143 -26.00 1.66 -0.28
N ASN A 144 -25.88 2.00 -1.57
CA ASN A 144 -26.80 3.00 -2.09
C ASN A 144 -28.07 2.42 -2.71
N ARG A 145 -28.38 1.19 -2.33
CA ARG A 145 -29.61 0.52 -2.76
C ARG A 145 -30.22 -0.12 -1.53
N ASN A 146 -29.64 0.23 -0.38
CA ASN A 146 -30.05 -0.30 0.92
C ASN A 146 -30.93 0.63 1.77
N TRP A 147 -31.16 1.85 1.27
CA TRP A 147 -31.97 2.84 2.01
C TRP A 147 -33.47 2.52 1.96
N ASP A 148 -34.18 2.98 2.97
CA ASP A 148 -35.61 2.73 3.07
C ASP A 148 -36.42 3.71 2.23
N ALA A 149 -36.32 3.54 0.91
CA ALA A 149 -37.03 4.36 -0.07
C ALA A 149 -37.24 3.44 -1.25
N GLY A 150 -38.38 2.77 -1.30
CA GLY A 150 -38.67 1.84 -2.38
C GLY A 150 -37.72 0.66 -2.28
N PHE A 151 -37.31 0.35 -1.06
CA PHE A 151 -36.38 -0.76 -0.85
C PHE A 151 -36.85 -2.07 -1.46
N GLY A 152 -35.94 -2.74 -2.18
CA GLY A 152 -36.27 -4.02 -2.77
C GLY A 152 -37.05 -4.00 -4.07
N LYS A 153 -37.50 -2.81 -4.50
CA LYS A 153 -38.25 -2.71 -5.74
C LYS A 153 -37.30 -2.76 -6.94
N ALA A 154 -37.86 -2.87 -8.14
CA ALA A 154 -37.06 -2.93 -9.36
C ALA A 154 -36.03 -1.80 -9.33
N GLY A 155 -34.82 -2.08 -9.78
CA GLY A 155 -33.77 -1.09 -9.77
C GLY A 155 -32.68 -1.47 -8.79
N ALA A 156 -32.75 -2.71 -8.31
CA ALA A 156 -31.80 -3.26 -7.36
C ALA A 156 -31.86 -4.77 -7.50
N SER A 157 -30.81 -5.46 -7.07
CA SER A 157 -30.75 -6.92 -7.16
C SER A 157 -30.95 -7.64 -5.83
N SER A 158 -31.60 -8.81 -5.87
CA SER A 158 -31.84 -9.57 -4.66
C SER A 158 -30.82 -10.70 -4.50
N SER A 159 -29.85 -10.76 -5.42
CA SER A 159 -28.81 -11.78 -5.37
C SER A 159 -27.61 -11.24 -4.58
N PRO A 160 -27.24 -11.93 -3.49
CA PRO A 160 -26.10 -11.50 -2.67
C PRO A 160 -24.82 -11.34 -3.45
N CYS A 161 -24.70 -12.07 -4.56
CA CYS A 161 -23.50 -12.00 -5.38
C CYS A 161 -23.49 -10.87 -6.40
N SER A 162 -24.62 -10.20 -6.56
CA SER A 162 -24.73 -9.10 -7.51
C SER A 162 -23.99 -7.86 -7.05
N GLU A 163 -23.48 -7.09 -8.00
CA GLU A 163 -22.77 -5.85 -7.70
C GLU A 163 -23.75 -4.77 -7.23
N THR A 164 -25.04 -5.02 -7.46
CA THR A 164 -26.08 -4.08 -7.06
C THR A 164 -27.06 -4.72 -6.06
N TYR A 165 -26.54 -5.67 -5.28
CA TYR A 165 -27.34 -6.35 -4.26
C TYR A 165 -27.81 -5.32 -3.23
N HIS A 166 -29.11 -5.33 -2.93
CA HIS A 166 -29.66 -4.37 -1.99
C HIS A 166 -29.59 -4.73 -0.51
N GLY A 167 -29.19 -5.96 -0.20
CA GLY A 167 -29.11 -6.37 1.20
C GLY A 167 -30.38 -7.09 1.66
N LYS A 168 -30.33 -7.70 2.83
CA LYS A 168 -31.51 -8.43 3.33
C LYS A 168 -32.74 -7.56 3.58
N TYR A 169 -32.54 -6.40 4.17
CA TYR A 169 -33.66 -5.49 4.45
C TYR A 169 -33.17 -4.05 4.50
N ALA A 170 -34.10 -3.10 4.44
CA ALA A 170 -33.75 -1.68 4.46
C ALA A 170 -32.93 -1.28 5.69
N ASN A 171 -31.84 -0.55 5.46
CA ASN A 171 -30.96 -0.10 6.53
C ASN A 171 -30.21 -1.24 7.22
N SER A 172 -30.06 -2.38 6.54
CA SER A 172 -29.36 -3.52 7.12
C SER A 172 -27.87 -3.22 7.29
N GLU A 173 -27.34 -2.37 6.41
CA GLU A 173 -25.92 -2.01 6.48
C GLU A 173 -25.74 -0.90 7.51
N VAL A 174 -24.86 -1.15 8.48
CA VAL A 174 -24.61 -0.18 9.53
C VAL A 174 -24.12 1.15 8.98
N GLU A 175 -23.44 1.11 7.84
CA GLU A 175 -22.94 2.34 7.24
C GLU A 175 -24.10 3.25 6.84
N VAL A 176 -25.23 2.64 6.46
CA VAL A 176 -26.41 3.38 6.06
C VAL A 176 -27.23 3.78 7.29
N LYS A 177 -27.48 2.81 8.17
CA LYS A 177 -28.25 3.07 9.38
C LYS A 177 -27.62 4.19 10.21
N SER A 178 -26.29 4.22 10.27
CA SER A 178 -25.60 5.26 11.06
C SER A 178 -25.97 6.65 10.56
N ILE A 179 -26.08 6.80 9.24
CA ILE A 179 -26.44 8.09 8.67
C ILE A 179 -27.91 8.38 8.94
N VAL A 180 -28.76 7.38 8.73
CA VAL A 180 -30.18 7.54 8.97
C VAL A 180 -30.45 8.01 10.40
N ASP A 181 -29.81 7.36 11.37
CA ASP A 181 -30.00 7.72 12.76
C ASP A 181 -29.51 9.14 13.07
N PHE A 182 -28.35 9.50 12.53
CA PHE A 182 -27.79 10.83 12.78
C PHE A 182 -28.70 11.92 12.23
N VAL A 183 -29.11 11.75 10.97
CA VAL A 183 -29.97 12.73 10.32
C VAL A 183 -31.34 12.84 10.95
N LYS A 184 -31.96 11.72 11.30
CA LYS A 184 -33.27 11.78 11.93
C LYS A 184 -33.18 12.42 13.31
N ASP A 185 -32.16 12.06 14.08
CA ASP A 185 -31.96 12.62 15.41
C ASP A 185 -31.75 14.14 15.34
N HIS A 186 -30.98 14.57 14.34
CA HIS A 186 -30.67 15.98 14.15
C HIS A 186 -31.96 16.75 13.88
N GLY A 187 -32.74 16.24 12.94
CA GLY A 187 -34.02 16.84 12.62
C GLY A 187 -34.04 18.18 11.93
N ASN A 188 -32.88 18.79 11.66
CA ASN A 188 -32.89 20.10 11.02
C ASN A 188 -32.01 20.21 9.78
N PHE A 189 -31.98 19.16 8.96
CA PHE A 189 -31.21 19.19 7.72
C PHE A 189 -32.07 19.79 6.61
N LYS A 190 -31.48 20.68 5.83
CA LYS A 190 -32.19 21.34 4.74
C LYS A 190 -31.70 20.88 3.39
N ALA A 191 -30.51 20.30 3.36
CA ALA A 191 -29.92 19.79 2.14
C ALA A 191 -29.20 18.47 2.41
N PHE A 192 -29.24 17.57 1.44
CA PHE A 192 -28.62 16.25 1.55
C PHE A 192 -27.98 15.95 0.19
N LEU A 193 -26.66 16.00 0.12
CA LEU A 193 -25.96 15.74 -1.13
C LEU A 193 -25.11 14.48 -1.05
N SER A 194 -25.29 13.59 -2.02
CA SER A 194 -24.54 12.34 -2.09
C SER A 194 -23.64 12.41 -3.32
N ILE A 195 -22.33 12.27 -3.11
CA ILE A 195 -21.35 12.38 -4.19
C ILE A 195 -20.84 11.02 -4.67
N HIS A 196 -20.99 10.76 -5.97
CA HIS A 196 -20.59 9.51 -6.59
C HIS A 196 -19.67 9.80 -7.76
N SER A 197 -19.19 8.77 -8.46
CA SER A 197 -18.34 9.10 -9.58
C SER A 197 -18.59 8.55 -10.96
N TYR A 198 -18.36 9.47 -11.89
CA TYR A 198 -18.43 9.27 -13.31
C TYR A 198 -19.74 9.00 -14.04
N SER A 199 -19.96 9.92 -14.98
CA SER A 199 -21.09 10.01 -15.88
C SER A 199 -21.39 11.51 -15.98
N GLN A 200 -20.90 12.28 -15.00
CA GLN A 200 -21.10 13.73 -14.98
C GLN A 200 -22.58 14.09 -15.06
N LEU A 201 -23.27 13.81 -13.95
CA LEU A 201 -24.70 14.07 -13.80
C LEU A 201 -24.97 14.72 -12.45
N LEU A 202 -26.07 15.46 -12.39
CA LEU A 202 -26.55 16.08 -11.15
C LEU A 202 -28.01 15.64 -11.17
N LEU A 203 -28.36 14.75 -10.25
CA LEU A 203 -29.72 14.23 -10.24
C LEU A 203 -30.52 14.58 -9.00
N TYR A 204 -31.84 14.70 -9.18
CA TYR A 204 -32.69 14.98 -8.04
C TYR A 204 -33.66 13.81 -7.87
N PRO A 205 -34.27 13.69 -6.68
CA PRO A 205 -35.21 12.68 -6.22
C PRO A 205 -36.04 11.81 -7.12
N TYR A 206 -36.07 10.58 -6.64
CA TYR A 206 -36.76 9.44 -7.19
C TYR A 206 -36.13 8.73 -8.37
N GLY A 207 -35.57 7.59 -8.03
CA GLY A 207 -34.98 6.70 -8.98
C GLY A 207 -35.85 5.46 -8.86
N TYR A 208 -36.55 5.34 -7.72
CA TYR A 208 -37.40 4.17 -7.48
C TYR A 208 -38.82 4.26 -8.05
N THR A 209 -39.28 5.48 -8.32
CA THR A 209 -40.63 5.68 -8.85
C THR A 209 -40.63 6.76 -9.92
N THR A 210 -41.56 6.64 -10.88
CA THR A 210 -41.68 7.63 -11.96
C THR A 210 -42.45 8.85 -11.48
N GLN A 211 -42.96 8.79 -10.26
CA GLN A 211 -43.71 9.91 -9.68
C GLN A 211 -42.81 11.13 -9.61
N SER A 212 -43.34 12.29 -9.97
CA SER A 212 -42.58 13.54 -9.92
C SER A 212 -42.69 14.17 -8.54
N ILE A 213 -41.56 14.64 -8.01
CA ILE A 213 -41.58 15.27 -6.69
C ILE A 213 -42.33 16.59 -6.74
N PRO A 214 -42.94 16.99 -5.62
CA PRO A 214 -43.71 18.24 -5.51
C PRO A 214 -42.85 19.48 -5.82
N ASP A 215 -41.54 19.35 -5.59
CA ASP A 215 -40.61 20.45 -5.82
C ASP A 215 -39.80 20.29 -7.11
N LYS A 216 -40.36 19.61 -8.11
CA LYS A 216 -39.63 19.41 -9.35
C LYS A 216 -39.17 20.70 -10.03
N THR A 217 -40.07 21.66 -10.19
CA THR A 217 -39.70 22.91 -10.84
C THR A 217 -38.48 23.56 -10.19
N GLU A 218 -38.52 23.73 -8.87
CA GLU A 218 -37.41 24.35 -8.16
C GLU A 218 -36.11 23.54 -8.18
N LEU A 219 -36.18 22.25 -7.85
CA LEU A 219 -34.96 21.45 -7.84
C LEU A 219 -34.35 21.37 -9.24
N ASN A 220 -35.20 21.32 -10.26
CA ASN A 220 -34.72 21.26 -11.62
C ASN A 220 -33.91 22.52 -11.95
N GLN A 221 -34.43 23.68 -11.54
CA GLN A 221 -33.73 24.94 -11.83
C GLN A 221 -32.47 25.04 -10.99
N VAL A 222 -32.52 24.56 -9.76
CA VAL A 222 -31.35 24.60 -8.89
C VAL A 222 -30.26 23.76 -9.56
N ALA A 223 -30.66 22.61 -10.10
CA ALA A 223 -29.73 21.72 -10.76
C ALA A 223 -29.16 22.41 -11.99
N LYS A 224 -30.04 23.02 -12.77
CA LYS A 224 -29.57 23.72 -13.97
C LYS A 224 -28.52 24.76 -13.61
N SER A 225 -28.79 25.56 -12.58
CA SER A 225 -27.85 26.60 -12.16
C SER A 225 -26.56 25.99 -11.63
N ALA A 226 -26.68 24.90 -10.89
CA ALA A 226 -25.51 24.25 -10.32
C ALA A 226 -24.60 23.70 -11.42
N VAL A 227 -25.19 23.10 -12.44
CA VAL A 227 -24.39 22.54 -13.53
C VAL A 227 -23.71 23.64 -14.33
N GLU A 228 -24.39 24.77 -14.51
CA GLU A 228 -23.81 25.88 -15.24
C GLU A 228 -22.65 26.47 -14.45
N ALA A 229 -22.80 26.54 -13.13
CA ALA A 229 -21.73 27.07 -12.28
C ALA A 229 -20.51 26.14 -12.37
N LEU A 230 -20.74 24.85 -12.21
CA LEU A 230 -19.67 23.87 -12.29
C LEU A 230 -18.95 23.99 -13.64
N LYS A 231 -19.73 24.08 -14.71
CA LYS A 231 -19.17 24.18 -16.06
C LYS A 231 -18.33 25.43 -16.31
N SER A 232 -18.70 26.54 -15.69
CA SER A 232 -17.99 27.80 -15.90
C SER A 232 -16.49 27.78 -15.62
N LEU A 233 -16.02 26.77 -14.89
CA LEU A 233 -14.60 26.70 -14.56
C LEU A 233 -13.70 26.06 -15.60
N TYR A 234 -14.01 24.83 -16.00
CA TYR A 234 -13.19 24.11 -16.98
C TYR A 234 -13.98 23.63 -18.19
N GLY A 235 -15.28 23.96 -18.23
CA GLY A 235 -16.11 23.56 -19.37
C GLY A 235 -16.65 22.14 -19.25
N THR A 236 -16.52 21.54 -18.09
CA THR A 236 -17.02 20.18 -17.87
C THR A 236 -18.54 20.21 -17.97
N SER A 237 -19.07 19.40 -18.88
CA SER A 237 -20.50 19.35 -19.11
C SER A 237 -21.21 18.24 -18.35
N TYR A 238 -22.23 18.64 -17.61
CA TYR A 238 -23.04 17.73 -16.81
C TYR A 238 -24.47 17.74 -17.37
N LYS A 239 -25.16 16.61 -17.22
CA LYS A 239 -26.56 16.50 -17.62
C LYS A 239 -27.28 16.46 -16.28
N TYR A 240 -28.54 16.87 -16.25
CA TYR A 240 -29.30 16.86 -14.99
C TYR A 240 -30.75 16.46 -15.17
N GLY A 241 -31.38 16.07 -14.08
CA GLY A 241 -32.77 15.65 -14.13
C GLY A 241 -33.01 14.67 -13.00
N SER A 242 -34.20 14.07 -12.94
CA SER A 242 -34.50 13.10 -11.89
C SER A 242 -33.71 11.83 -12.20
N ILE A 243 -33.41 11.06 -11.16
CA ILE A 243 -32.65 9.82 -11.32
C ILE A 243 -33.27 8.85 -12.34
N ILE A 244 -34.56 8.55 -12.17
CA ILE A 244 -35.20 7.61 -13.06
C ILE A 244 -35.31 8.03 -14.52
N THR A 245 -35.48 9.33 -14.79
CA THR A 245 -35.58 9.77 -16.18
C THR A 245 -34.22 10.03 -16.82
N THR A 246 -33.18 10.19 -15.99
CA THR A 246 -31.86 10.47 -16.51
C THR A 246 -30.96 9.25 -16.73
N ILE A 247 -30.90 8.34 -15.76
CA ILE A 247 -30.07 7.15 -15.95
C ILE A 247 -30.90 5.87 -16.04
N TYR A 248 -31.71 5.62 -15.02
CA TYR A 248 -32.54 4.42 -14.98
C TYR A 248 -33.23 4.26 -13.63
N GLN A 249 -34.16 3.31 -13.57
CA GLN A 249 -34.86 3.05 -12.32
C GLN A 249 -33.84 2.46 -11.35
N ALA A 250 -33.79 3.03 -10.14
CA ALA A 250 -32.87 2.60 -9.11
C ALA A 250 -33.57 2.77 -7.77
N SER A 251 -33.67 1.69 -7.00
CA SER A 251 -34.36 1.73 -5.72
C SER A 251 -33.43 1.73 -4.52
N GLY A 252 -33.97 2.06 -3.35
CA GLY A 252 -33.19 2.09 -2.13
C GLY A 252 -32.07 3.12 -2.11
N GLY A 253 -32.24 4.21 -2.88
CA GLY A 253 -31.23 5.26 -2.96
C GLY A 253 -31.28 6.30 -1.85
N SER A 254 -30.12 6.85 -1.52
CA SER A 254 -30.02 7.83 -0.44
C SER A 254 -30.83 9.12 -0.57
N ILE A 255 -30.84 9.74 -1.74
CA ILE A 255 -31.60 10.98 -1.87
C ILE A 255 -33.11 10.80 -1.98
N ASP A 256 -33.56 9.59 -2.29
CA ASP A 256 -34.99 9.35 -2.34
C ASP A 256 -35.43 9.29 -0.88
N TRP A 257 -34.59 8.68 -0.05
CA TRP A 257 -34.87 8.57 1.38
C TRP A 257 -34.86 9.93 2.07
N SER A 258 -33.83 10.72 1.80
CA SER A 258 -33.71 12.04 2.43
C SER A 258 -34.81 13.00 1.99
N TYR A 259 -35.16 12.95 0.72
CA TYR A 259 -36.23 13.81 0.22
C TYR A 259 -37.53 13.43 0.93
N ASN A 260 -37.74 12.14 1.13
CA ASN A 260 -38.96 11.69 1.80
C ASN A 260 -38.97 11.98 3.30
N GLN A 261 -37.84 12.40 3.84
CA GLN A 261 -37.75 12.75 5.25
C GLN A 261 -38.12 14.23 5.37
N GLY A 262 -38.28 14.87 4.22
CA GLY A 262 -38.63 16.28 4.19
C GLY A 262 -37.44 17.17 3.89
N ILE A 263 -36.30 16.56 3.56
CA ILE A 263 -35.10 17.33 3.22
C ILE A 263 -35.22 17.70 1.75
N LYS A 264 -35.72 18.90 1.52
CA LYS A 264 -35.99 19.44 0.19
C LYS A 264 -34.86 19.43 -0.83
N TYR A 265 -33.72 20.00 -0.49
CA TYR A 265 -32.60 20.05 -1.42
C TYR A 265 -31.75 18.79 -1.40
N SER A 266 -32.28 17.73 -1.99
CA SER A 266 -31.60 16.44 -2.07
C SER A 266 -31.12 16.21 -3.50
N PHE A 267 -29.82 16.05 -3.66
CA PHE A 267 -29.20 15.84 -4.97
C PHE A 267 -28.06 14.85 -4.89
N THR A 268 -27.80 14.17 -6.00
CA THR A 268 -26.69 13.23 -6.07
C THR A 268 -25.85 13.64 -7.26
N PHE A 269 -24.54 13.73 -7.04
CA PHE A 269 -23.59 14.10 -8.07
C PHE A 269 -22.82 12.86 -8.55
N GLU A 270 -22.67 12.71 -9.87
CA GLU A 270 -21.87 11.63 -10.43
C GLU A 270 -20.74 12.43 -11.06
N LEU A 271 -19.57 12.40 -10.42
CA LEU A 271 -18.44 13.20 -10.89
C LEU A 271 -17.79 12.87 -12.21
N ARG A 272 -16.70 13.58 -12.47
CA ARG A 272 -15.94 13.52 -13.69
C ARG A 272 -15.66 12.27 -14.45
N ASP A 273 -15.42 12.54 -15.73
CA ASP A 273 -15.10 11.54 -16.71
C ASP A 273 -16.39 10.89 -17.16
N THR A 274 -16.51 10.73 -18.47
CA THR A 274 -17.68 10.14 -19.05
C THR A 274 -17.34 8.73 -19.51
N GLY A 275 -16.14 8.28 -19.17
CA GLY A 275 -15.73 6.94 -19.56
C GLY A 275 -14.29 6.81 -20.02
N ARG A 276 -13.61 7.93 -20.27
CA ARG A 276 -12.22 7.88 -20.72
C ARG A 276 -11.41 7.04 -19.74
N TYR A 277 -11.55 7.34 -18.46
CA TYR A 277 -10.84 6.60 -17.42
C TYR A 277 -11.82 5.94 -16.44
N GLY A 278 -13.05 6.44 -16.41
CA GLY A 278 -14.05 5.87 -15.51
C GLY A 278 -13.70 6.00 -14.04
N PHE A 279 -13.65 4.88 -13.33
CA PHE A 279 -13.35 4.89 -11.90
C PHE A 279 -11.86 5.12 -11.64
N LEU A 280 -11.04 4.88 -12.65
CA LEU A 280 -9.59 5.06 -12.51
C LEU A 280 -9.18 6.45 -13.00
N LEU A 281 -9.88 7.47 -12.51
CA LEU A 281 -9.60 8.84 -12.90
C LEU A 281 -8.21 9.24 -12.42
N PRO A 282 -7.37 9.76 -13.33
CA PRO A 282 -6.01 10.18 -13.00
C PRO A 282 -5.95 11.17 -11.83
N ALA A 283 -4.93 11.05 -11.00
CA ALA A 283 -4.79 11.94 -9.85
C ALA A 283 -4.65 13.40 -10.30
N SER A 284 -4.17 13.61 -11.51
CA SER A 284 -4.00 14.95 -12.04
C SER A 284 -5.34 15.68 -12.19
N GLN A 285 -6.44 14.94 -12.12
CA GLN A 285 -7.77 15.54 -12.25
C GLN A 285 -8.49 15.72 -10.91
N ILE A 286 -7.84 15.32 -9.82
CA ILE A 286 -8.46 15.47 -8.51
C ILE A 286 -8.80 16.92 -8.18
N ILE A 287 -7.78 17.78 -8.17
CA ILE A 287 -8.01 19.17 -7.84
C ILE A 287 -8.98 19.87 -8.79
N PRO A 288 -8.80 19.70 -10.12
CA PRO A 288 -9.72 20.35 -11.05
C PRO A 288 -11.17 19.86 -10.85
N THR A 289 -11.33 18.57 -10.60
CA THR A 289 -12.67 18.02 -10.37
C THR A 289 -13.26 18.61 -9.10
N ALA A 290 -12.46 18.67 -8.04
CA ALA A 290 -12.93 19.21 -6.77
C ALA A 290 -13.30 20.67 -6.90
N GLN A 291 -12.47 21.45 -7.58
CA GLN A 291 -12.75 22.88 -7.74
C GLN A 291 -14.08 23.16 -8.42
N GLU A 292 -14.29 22.54 -9.58
CA GLU A 292 -15.54 22.75 -10.32
C GLU A 292 -16.76 22.22 -9.58
N THR A 293 -16.61 21.06 -8.94
CA THR A 293 -17.71 20.46 -8.20
C THR A 293 -18.11 21.38 -7.05
N TRP A 294 -17.11 22.02 -6.44
CA TRP A 294 -17.37 22.94 -5.34
C TRP A 294 -18.33 24.04 -5.80
N LEU A 295 -18.10 24.57 -7.00
CA LEU A 295 -18.97 25.63 -7.51
C LEU A 295 -20.41 25.17 -7.59
N GLY A 296 -20.61 23.93 -8.00
CA GLY A 296 -21.96 23.39 -8.11
C GLY A 296 -22.61 23.18 -6.75
N VAL A 297 -21.81 22.68 -5.79
CA VAL A 297 -22.32 22.45 -4.44
C VAL A 297 -22.64 23.78 -3.75
N LEU A 298 -21.75 24.75 -3.91
CA LEU A 298 -21.97 26.06 -3.30
C LEU A 298 -23.27 26.66 -3.84
N THR A 299 -23.50 26.48 -5.14
CA THR A 299 -24.71 27.00 -5.76
C THR A 299 -25.93 26.43 -5.06
N ILE A 300 -25.90 25.14 -4.76
CA ILE A 300 -27.01 24.50 -4.09
C ILE A 300 -27.15 25.02 -2.67
N MET A 301 -26.04 25.18 -1.96
CA MET A 301 -26.08 25.68 -0.60
C MET A 301 -26.70 27.08 -0.57
N GLU A 302 -26.33 27.91 -1.53
CA GLU A 302 -26.85 29.28 -1.60
C GLU A 302 -28.38 29.29 -1.69
N HIS A 303 -28.95 28.36 -2.47
CA HIS A 303 -30.41 28.29 -2.60
C HIS A 303 -31.03 27.77 -1.32
N THR A 304 -30.24 27.03 -0.55
CA THR A 304 -30.71 26.46 0.71
C THR A 304 -30.77 27.50 1.82
N VAL A 305 -29.81 28.41 1.83
CA VAL A 305 -29.76 29.45 2.85
C VAL A 305 -30.83 30.52 2.64
N ASN A 306 -31.18 30.79 1.39
CA ASN A 306 -32.18 31.80 1.08
C ASN A 306 -33.57 31.21 0.88
N ASN A 307 -33.71 29.91 1.12
CA ASN A 307 -34.99 29.24 0.96
C ASN A 307 -35.13 28.08 1.94
N ALA B 1 -5.26 -12.21 43.67
CA ALA B 1 -4.91 -13.65 43.49
C ALA B 1 -3.61 -14.00 44.21
N ARG B 2 -3.71 -14.93 45.14
CA ARG B 2 -2.56 -15.38 45.93
C ARG B 2 -1.76 -16.47 45.20
N SER B 3 -2.37 -17.05 44.17
CA SER B 3 -1.73 -18.11 43.41
C SER B 3 -2.16 -18.01 41.95
N THR B 4 -1.35 -18.55 41.04
CA THR B 4 -1.72 -18.50 39.62
C THR B 4 -2.91 -19.44 39.43
N ASN B 5 -3.19 -20.23 40.46
CA ASN B 5 -4.31 -21.18 40.42
C ASN B 5 -5.62 -20.50 40.86
N THR B 6 -5.51 -19.27 41.34
CA THR B 6 -6.69 -18.52 41.76
C THR B 6 -6.87 -17.25 40.93
N PHE B 7 -5.88 -16.98 40.08
CA PHE B 7 -5.91 -15.81 39.19
C PHE B 7 -7.10 -15.96 38.24
N ASN B 8 -7.87 -14.90 38.05
CA ASN B 8 -9.03 -14.96 37.15
C ASN B 8 -8.61 -14.72 35.71
N TYR B 9 -8.50 -15.80 34.94
CA TYR B 9 -8.08 -15.71 33.54
C TYR B 9 -9.21 -15.26 32.62
N ALA B 10 -10.42 -15.22 33.15
CA ALA B 10 -11.58 -14.82 32.34
C ALA B 10 -11.96 -13.35 32.45
N THR B 11 -11.07 -12.53 33.01
CA THR B 11 -11.32 -11.11 33.13
C THR B 11 -10.09 -10.30 32.75
N TYR B 12 -10.29 -9.04 32.39
CA TYR B 12 -9.17 -8.18 32.03
C TYR B 12 -8.52 -7.60 33.28
N HIS B 13 -7.19 -7.53 33.25
CA HIS B 13 -6.43 -7.06 34.38
C HIS B 13 -5.62 -5.79 34.14
N THR B 14 -5.11 -5.22 35.24
CA THR B 14 -4.30 -4.01 35.21
C THR B 14 -2.82 -4.37 35.13
N LEU B 15 -1.97 -3.39 34.92
CA LEU B 15 -0.55 -3.65 34.84
C LEU B 15 -0.06 -4.30 36.14
N ASP B 16 -0.40 -3.71 37.29
CA ASP B 16 0.00 -4.24 38.58
C ASP B 16 -0.37 -5.70 38.78
N GLU B 17 -1.61 -6.04 38.43
CA GLU B 17 -2.08 -7.41 38.57
C GLU B 17 -1.30 -8.39 37.70
N ILE B 18 -1.00 -7.97 36.47
CA ILE B 18 -0.24 -8.83 35.56
C ILE B 18 1.21 -8.97 36.05
N TYR B 19 1.79 -7.87 36.53
CA TYR B 19 3.16 -7.94 37.02
C TYR B 19 3.22 -8.82 38.27
N ASP B 20 2.19 -8.74 39.11
CA ASP B 20 2.15 -9.57 40.31
C ASP B 20 2.01 -11.02 39.87
N PHE B 21 1.24 -11.24 38.81
CA PHE B 21 1.03 -12.58 38.27
C PHE B 21 2.37 -13.22 37.91
N MET B 22 3.24 -12.44 37.28
CA MET B 22 4.55 -12.93 36.86
C MET B 22 5.36 -13.49 38.02
N ASP B 23 5.35 -12.78 39.15
CA ASP B 23 6.09 -13.23 40.32
C ASP B 23 5.49 -14.49 40.94
N LEU B 24 4.16 -14.57 40.93
CA LEU B 24 3.48 -15.74 41.48
C LEU B 24 3.92 -16.96 40.68
N LEU B 25 3.93 -16.82 39.35
CA LEU B 25 4.31 -17.91 38.46
C LEU B 25 5.76 -18.33 38.66
N VAL B 26 6.65 -17.37 38.76
CA VAL B 26 8.08 -17.65 38.96
C VAL B 26 8.28 -18.37 40.29
N ALA B 27 7.61 -17.89 41.33
CA ALA B 27 7.73 -18.49 42.66
C ALA B 27 7.17 -19.92 42.67
N GLU B 28 6.17 -20.17 41.83
CA GLU B 28 5.55 -21.49 41.74
C GLU B 28 6.27 -22.47 40.82
N HIS B 29 7.06 -21.96 39.88
CA HIS B 29 7.78 -22.79 38.93
C HIS B 29 9.20 -22.29 38.70
N PRO B 30 10.01 -22.21 39.77
CA PRO B 30 11.39 -21.73 39.75
C PRO B 30 12.35 -22.46 38.81
N GLN B 31 12.12 -23.75 38.59
CA GLN B 31 13.02 -24.52 37.74
C GLN B 31 12.69 -24.35 36.26
N LEU B 32 11.56 -23.71 35.97
CA LEU B 32 11.13 -23.52 34.59
C LEU B 32 11.00 -22.06 34.14
N VAL B 33 10.48 -21.21 35.02
CA VAL B 33 10.26 -19.81 34.68
C VAL B 33 11.10 -18.80 35.45
N SER B 34 11.56 -17.78 34.74
CA SER B 34 12.35 -16.71 35.35
C SER B 34 11.88 -15.38 34.75
N LYS B 35 11.99 -14.31 35.53
CA LYS B 35 11.57 -13.00 35.05
C LYS B 35 12.78 -12.14 34.72
N LEU B 36 12.86 -11.69 33.48
CA LEU B 36 13.96 -10.84 33.02
C LEU B 36 13.46 -9.42 32.74
N GLN B 37 14.24 -8.43 33.15
CA GLN B 37 13.88 -7.05 32.86
C GLN B 37 14.82 -6.66 31.72
N ILE B 38 14.27 -6.43 30.53
CA ILE B 38 15.08 -6.10 29.37
C ILE B 38 15.25 -4.58 29.15
N GLY B 39 14.69 -3.80 30.07
CA GLY B 39 14.80 -2.36 29.98
C GLY B 39 13.70 -1.67 30.76
N ARG B 40 13.54 -0.38 30.52
CA ARG B 40 12.52 0.43 31.18
C ARG B 40 11.78 1.24 30.11
N SER B 41 10.47 1.39 30.30
CA SER B 41 9.65 2.14 29.36
C SER B 41 10.01 3.62 29.41
N TYR B 42 9.42 4.39 28.51
CA TYR B 42 9.68 5.82 28.48
C TYR B 42 9.40 6.42 29.86
N GLU B 43 8.31 5.99 30.48
CA GLU B 43 7.93 6.50 31.78
C GLU B 43 8.56 5.77 32.97
N GLY B 44 9.64 5.03 32.70
CA GLY B 44 10.37 4.34 33.75
C GLY B 44 9.89 2.99 34.24
N ARG B 45 8.77 2.50 33.72
CA ARG B 45 8.26 1.21 34.15
C ARG B 45 9.15 0.07 33.66
N PRO B 46 9.38 -0.93 34.51
CA PRO B 46 10.22 -2.05 34.07
C PRO B 46 9.53 -2.81 32.94
N ILE B 47 10.33 -3.33 32.01
CA ILE B 47 9.81 -4.10 30.89
C ILE B 47 10.22 -5.54 31.19
N TYR B 48 9.22 -6.40 31.38
CA TYR B 48 9.48 -7.79 31.71
C TYR B 48 9.25 -8.84 30.63
N VAL B 49 10.16 -9.80 30.58
CA VAL B 49 10.08 -10.92 29.65
C VAL B 49 10.18 -12.18 30.49
N LEU B 50 9.19 -13.06 30.38
CA LEU B 50 9.24 -14.31 31.13
C LEU B 50 10.01 -15.31 30.29
N LYS B 51 11.04 -15.91 30.88
CA LYS B 51 11.85 -16.90 30.18
C LYS B 51 11.49 -18.31 30.63
N PHE B 52 11.14 -19.17 29.68
CA PHE B 52 10.79 -20.55 29.97
C PHE B 52 11.91 -21.41 29.40
N SER B 53 12.62 -22.10 30.29
CA SER B 53 13.74 -22.93 29.86
C SER B 53 13.93 -24.14 30.76
N THR B 54 14.54 -25.19 30.23
CA THR B 54 14.80 -26.41 31.00
C THR B 54 16.30 -26.66 31.07
N GLY B 55 17.08 -25.62 30.78
CA GLY B 55 18.53 -25.74 30.82
C GLY B 55 19.21 -25.39 29.50
N GLY B 56 20.38 -25.97 29.28
CA GLY B 56 21.10 -25.72 28.04
C GLY B 56 21.90 -24.44 28.06
N SER B 57 22.60 -24.16 26.97
CA SER B 57 23.40 -22.96 26.87
C SER B 57 22.99 -22.18 25.63
N ASN B 58 22.29 -21.07 25.85
CA ASN B 58 21.81 -20.22 24.76
C ASN B 58 21.17 -21.06 23.66
N ARG B 59 20.25 -21.93 24.07
CA ARG B 59 19.53 -22.80 23.15
C ARG B 59 18.72 -22.00 22.13
N PRO B 60 18.35 -22.63 21.00
CA PRO B 60 17.55 -21.96 19.97
C PRO B 60 16.32 -21.43 20.69
N ALA B 61 15.90 -20.21 20.36
CA ALA B 61 14.76 -19.63 21.06
C ALA B 61 13.58 -19.16 20.22
N ILE B 62 12.45 -19.00 20.91
CA ILE B 62 11.20 -18.54 20.33
C ILE B 62 10.81 -17.27 21.07
N TRP B 63 10.59 -16.20 20.33
CA TRP B 63 10.18 -14.94 20.94
C TRP B 63 8.70 -14.71 20.69
N ILE B 64 8.00 -14.21 21.70
CA ILE B 64 6.58 -13.92 21.58
C ILE B 64 6.30 -12.62 22.31
N ASP B 65 5.84 -11.61 21.57
CA ASP B 65 5.53 -10.33 22.19
C ASP B 65 4.04 -10.04 22.02
N LEU B 66 3.44 -9.48 23.07
CA LEU B 66 2.02 -9.15 23.05
C LEU B 66 1.84 -7.75 23.62
N GLY B 67 0.72 -7.12 23.28
CA GLY B 67 0.43 -5.79 23.80
C GLY B 67 1.29 -4.64 23.35
N ILE B 68 1.89 -4.73 22.16
CA ILE B 68 2.72 -3.61 21.70
C ILE B 68 1.77 -2.44 21.44
N HIS B 69 0.53 -2.76 21.10
CA HIS B 69 -0.52 -1.75 20.88
C HIS B 69 -1.42 -1.91 22.10
N SER B 70 -1.28 -0.99 23.05
CA SER B 70 -2.00 -1.03 24.31
C SER B 70 -3.49 -1.37 24.35
N ARG B 71 -4.28 -0.79 23.46
CA ARG B 71 -5.73 -1.04 23.46
C ARG B 71 -6.15 -2.46 23.08
N GLU B 72 -5.24 -3.23 22.50
CA GLU B 72 -5.56 -4.60 22.09
C GLU B 72 -5.50 -5.55 23.28
N TRP B 73 -6.36 -5.26 24.26
CA TRP B 73 -6.45 -6.02 25.51
C TRP B 73 -6.52 -7.54 25.42
N ILE B 74 -7.13 -8.06 24.36
CA ILE B 74 -7.21 -9.51 24.23
C ILE B 74 -5.82 -10.16 24.18
N THR B 75 -4.80 -9.39 23.74
CA THR B 75 -3.45 -9.95 23.65
C THR B 75 -2.76 -10.07 25.01
N GLN B 76 -2.80 -9.03 25.84
CA GLN B 76 -2.16 -9.13 27.15
C GLN B 76 -2.83 -10.24 27.94
N ALA B 77 -4.16 -10.35 27.82
CA ALA B 77 -4.91 -11.37 28.53
C ALA B 77 -4.53 -12.76 28.02
N THR B 78 -4.32 -12.86 26.71
CA THR B 78 -3.93 -14.13 26.11
C THR B 78 -2.49 -14.44 26.54
N GLY B 79 -1.69 -13.39 26.70
CA GLY B 79 -0.30 -13.56 27.11
C GLY B 79 -0.21 -14.18 28.50
N VAL B 80 -1.07 -13.71 29.39
CA VAL B 80 -1.13 -14.24 30.74
C VAL B 80 -1.54 -15.71 30.69
N TRP B 81 -2.57 -16.00 29.90
CA TRP B 81 -3.07 -17.36 29.77
C TRP B 81 -1.95 -18.28 29.24
N PHE B 82 -1.19 -17.79 28.25
CA PHE B 82 -0.08 -18.55 27.67
C PHE B 82 0.93 -18.92 28.74
N ALA B 83 1.35 -17.93 29.53
CA ALA B 83 2.33 -18.17 30.59
C ALA B 83 1.88 -19.31 31.49
N LYS B 84 0.63 -19.28 31.92
CA LYS B 84 0.08 -20.31 32.77
C LYS B 84 0.07 -21.66 32.05
N LYS B 85 -0.36 -21.64 30.78
CA LYS B 85 -0.43 -22.85 29.97
C LYS B 85 0.93 -23.54 29.84
N PHE B 86 1.98 -22.77 29.60
CA PHE B 86 3.30 -23.34 29.47
C PHE B 86 3.68 -24.16 30.70
N THR B 87 3.38 -23.63 31.89
CA THR B 87 3.72 -24.33 33.12
C THR B 87 2.85 -25.56 33.36
N GLU B 88 1.64 -25.57 32.81
CA GLU B 88 0.75 -26.71 32.98
C GLU B 88 1.10 -27.87 32.04
N ASP B 89 1.40 -27.52 30.79
CA ASP B 89 1.72 -28.53 29.77
C ASP B 89 3.14 -29.08 29.71
N TYR B 90 4.14 -28.35 30.18
CA TYR B 90 5.49 -28.90 30.11
C TYR B 90 5.59 -30.13 30.98
N GLY B 91 6.09 -31.21 30.38
CA GLY B 91 6.22 -32.46 31.12
C GLY B 91 5.00 -33.34 30.94
N GLN B 92 3.86 -32.74 30.61
CA GLN B 92 2.63 -33.47 30.40
C GLN B 92 2.35 -33.69 28.92
N ASP B 93 2.32 -32.61 28.14
CA ASP B 93 2.08 -32.75 26.70
C ASP B 93 3.36 -33.16 25.99
N PRO B 94 3.31 -34.30 25.27
CA PRO B 94 4.48 -34.79 24.53
C PRO B 94 5.14 -33.77 23.61
N SER B 95 4.34 -33.13 22.77
CA SER B 95 4.86 -32.14 21.82
C SER B 95 5.48 -30.90 22.47
N PHE B 96 4.74 -30.24 23.36
CA PHE B 96 5.27 -29.06 24.00
C PHE B 96 6.51 -29.38 24.82
N THR B 97 6.51 -30.54 25.47
CA THR B 97 7.65 -30.95 26.27
C THR B 97 8.88 -31.08 25.39
N ALA B 98 8.70 -31.66 24.21
CA ALA B 98 9.80 -31.84 23.28
C ALA B 98 10.35 -30.48 22.84
N ILE B 99 9.45 -29.52 22.65
CA ILE B 99 9.85 -28.18 22.24
C ILE B 99 10.73 -27.49 23.29
N LEU B 100 10.28 -27.53 24.54
CA LEU B 100 11.01 -26.89 25.61
C LEU B 100 12.26 -27.66 26.04
N ASP B 101 12.40 -28.89 25.56
CA ASP B 101 13.58 -29.70 25.89
C ASP B 101 14.76 -29.31 25.01
N SER B 102 14.47 -28.67 23.89
CA SER B 102 15.51 -28.27 22.95
C SER B 102 15.49 -26.77 22.66
N MET B 103 14.47 -26.07 23.13
CA MET B 103 14.36 -24.64 22.89
C MET B 103 13.82 -23.85 24.07
N ASP B 104 14.13 -22.56 24.10
CA ASP B 104 13.66 -21.68 25.16
C ASP B 104 12.58 -20.79 24.57
N ILE B 105 11.66 -20.34 25.42
CA ILE B 105 10.60 -19.45 24.99
C ILE B 105 10.69 -18.18 25.82
N PHE B 106 10.68 -17.04 25.13
CA PHE B 106 10.73 -15.74 25.79
C PHE B 106 9.40 -15.05 25.50
N LEU B 107 8.64 -14.82 26.56
CA LEU B 107 7.31 -14.23 26.46
C LEU B 107 7.20 -12.82 27.08
N GLU B 108 6.88 -11.83 26.26
CA GLU B 108 6.71 -10.47 26.75
C GLU B 108 5.22 -10.16 26.69
N ILE B 109 4.56 -10.29 27.84
CA ILE B 109 3.12 -10.06 27.97
C ILE B 109 2.65 -8.64 27.72
N VAL B 110 3.39 -7.65 28.21
CA VAL B 110 3.02 -6.25 28.05
C VAL B 110 4.19 -5.46 27.45
N THR B 111 4.30 -5.50 26.13
CA THR B 111 5.37 -4.83 25.43
C THR B 111 5.32 -3.30 25.51
N ASN B 112 4.12 -2.75 25.75
CA ASN B 112 3.92 -1.31 25.84
C ASN B 112 3.22 -1.01 27.18
N PRO B 113 3.96 -1.12 28.29
CA PRO B 113 3.37 -0.87 29.61
C PRO B 113 2.79 0.51 29.90
N ASP B 114 3.39 1.56 29.33
CA ASP B 114 2.88 2.92 29.56
C ASP B 114 1.52 3.09 28.90
N GLY B 115 1.42 2.60 27.66
CA GLY B 115 0.16 2.70 26.96
C GLY B 115 -0.90 1.88 27.67
N PHE B 116 -0.51 0.73 28.19
CA PHE B 116 -1.46 -0.14 28.89
C PHE B 116 -2.03 0.55 30.12
N ALA B 117 -1.17 1.19 30.89
CA ALA B 117 -1.64 1.89 32.08
C ALA B 117 -2.60 3.00 31.66
N PHE B 118 -2.28 3.65 30.54
CA PHE B 118 -3.09 4.74 30.01
C PHE B 118 -4.46 4.24 29.56
N THR B 119 -4.55 3.00 29.07
CA THR B 119 -5.85 2.48 28.64
C THR B 119 -6.76 2.21 29.82
N HIS B 120 -6.17 2.04 31.00
CA HIS B 120 -6.93 1.77 32.22
C HIS B 120 -7.34 3.06 32.94
N SER B 121 -6.53 4.10 32.82
CA SER B 121 -6.78 5.35 33.52
C SER B 121 -7.33 6.53 32.75
N GLN B 122 -7.00 6.63 31.47
CA GLN B 122 -7.43 7.79 30.70
C GLN B 122 -8.18 7.56 29.40
N ASN B 123 -7.66 6.64 28.59
CA ASN B 123 -8.24 6.39 27.28
C ASN B 123 -8.15 4.91 26.93
N ARG B 124 -9.28 4.22 27.01
CA ARG B 124 -9.34 2.79 26.72
C ARG B 124 -8.86 2.43 25.31
N LEU B 125 -9.01 3.35 24.37
CA LEU B 125 -8.60 3.06 23.01
C LEU B 125 -7.23 3.60 22.59
N TRP B 126 -6.38 3.93 23.55
CA TRP B 126 -5.05 4.43 23.23
C TRP B 126 -4.21 3.26 22.72
N ARG B 127 -3.37 3.49 21.72
CA ARG B 127 -2.57 2.41 21.15
C ARG B 127 -1.05 2.65 21.10
N LYS B 128 -0.66 3.91 21.01
CA LYS B 128 0.77 4.24 20.92
C LYS B 128 1.48 4.21 22.27
N THR B 129 2.75 4.56 22.25
CA THR B 129 3.55 4.60 23.46
C THR B 129 3.20 5.93 24.14
N ARG B 130 3.95 6.31 25.16
CA ARG B 130 3.68 7.57 25.84
C ARG B 130 4.87 8.52 25.81
N SER B 131 5.78 8.31 24.86
CA SER B 131 6.94 9.15 24.74
C SER B 131 6.51 10.56 24.37
N VAL B 132 7.22 11.55 24.87
CA VAL B 132 6.90 12.95 24.58
C VAL B 132 8.04 13.46 23.68
N THR B 133 7.69 13.78 22.43
CA THR B 133 8.66 14.26 21.46
C THR B 133 9.06 15.66 21.90
N SER B 134 9.74 16.38 21.01
CA SER B 134 10.19 17.73 21.33
C SER B 134 9.32 18.82 20.72
N SER B 135 9.22 18.83 19.39
CA SER B 135 8.44 19.86 18.73
C SER B 135 6.97 19.54 18.42
N SER B 136 6.26 18.98 19.40
CA SER B 136 4.85 18.68 19.23
C SER B 136 4.23 18.40 20.57
N LEU B 137 3.00 18.85 20.74
CA LEU B 137 2.31 18.64 21.99
C LEU B 137 1.55 17.33 21.99
N CYS B 138 1.65 16.58 20.89
CA CYS B 138 1.00 15.29 20.81
C CYS B 138 1.90 14.26 21.51
N VAL B 139 1.36 13.08 21.79
CA VAL B 139 2.13 12.08 22.51
C VAL B 139 2.15 10.69 21.87
N GLY B 140 3.25 9.97 22.11
CA GLY B 140 3.39 8.61 21.63
C GLY B 140 3.72 8.32 20.17
N VAL B 141 4.22 7.10 19.98
CA VAL B 141 4.60 6.60 18.67
C VAL B 141 3.95 5.22 18.50
N ASP B 142 3.67 4.83 17.27
CA ASP B 142 3.11 3.51 16.99
C ASP B 142 4.34 2.62 17.07
N ALA B 143 4.51 1.94 18.21
CA ALA B 143 5.67 1.07 18.40
C ALA B 143 5.89 0.03 17.31
N ASN B 144 4.82 -0.38 16.62
CA ASN B 144 5.01 -1.39 15.58
C ASN B 144 5.23 -0.81 14.20
N ARG B 145 5.67 0.44 14.16
CA ARG B 145 5.98 1.14 12.92
C ARG B 145 7.31 1.86 13.17
N ASN B 146 7.91 1.54 14.32
CA ASN B 146 9.18 2.15 14.76
C ASN B 146 10.42 1.25 14.55
N TRP B 147 10.22 0.03 14.05
CA TRP B 147 11.33 -0.89 13.84
C TRP B 147 12.17 -0.54 12.60
N ASP B 148 13.43 -0.95 12.62
CA ASP B 148 14.35 -0.68 11.52
C ASP B 148 14.13 -1.69 10.38
N ALA B 149 12.99 -1.56 9.72
CA ALA B 149 12.62 -2.42 8.60
C ALA B 149 11.74 -1.58 7.71
N GLY B 150 12.35 -0.93 6.72
CA GLY B 150 11.61 -0.07 5.83
C GLY B 150 11.13 1.14 6.61
N PHE B 151 11.88 1.49 7.65
CA PHE B 151 11.52 2.61 8.49
C PHE B 151 11.29 3.90 7.72
N GLY B 152 10.21 4.59 8.05
CA GLY B 152 9.89 5.85 7.41
C GLY B 152 9.27 5.74 6.03
N LYS B 153 9.14 4.53 5.51
CA LYS B 153 8.55 4.35 4.19
C LYS B 153 7.03 4.31 4.23
N ALA B 154 6.42 4.34 3.06
CA ALA B 154 4.97 4.30 2.93
C ALA B 154 4.39 3.18 3.80
N GLY B 155 3.32 3.50 4.53
CA GLY B 155 2.71 2.52 5.40
C GLY B 155 2.85 2.95 6.85
N ALA B 156 3.20 4.22 7.03
CA ALA B 156 3.36 4.80 8.37
C ALA B 156 3.27 6.32 8.23
N SER B 157 2.94 7.00 9.31
CA SER B 157 2.81 8.45 9.27
C SER B 157 4.02 9.18 9.87
N SER B 158 4.38 10.31 9.25
CA SER B 158 5.50 11.11 9.73
C SER B 158 5.01 12.18 10.69
N SER B 159 3.70 12.27 10.88
CA SER B 159 3.10 13.25 11.78
C SER B 159 3.02 12.73 13.22
N PRO B 160 3.65 13.44 14.16
CA PRO B 160 3.64 13.04 15.57
C PRO B 160 2.25 12.83 16.16
N CYS B 161 1.26 13.51 15.60
CA CYS B 161 -0.11 13.40 16.10
C CYS B 161 -0.86 12.22 15.52
N SER B 162 -0.28 11.57 14.53
CA SER B 162 -0.93 10.42 13.89
C SER B 162 -0.94 9.18 14.76
N GLU B 163 -1.99 8.37 14.60
CA GLU B 163 -2.14 7.13 15.35
C GLU B 163 -1.16 6.08 14.84
N THR B 164 -0.56 6.37 13.68
CA THR B 164 0.41 5.46 13.07
C THR B 164 1.76 6.16 12.89
N TYR B 165 2.04 7.13 13.76
CA TYR B 165 3.31 7.87 13.71
C TYR B 165 4.46 6.89 13.92
N HIS B 166 5.41 6.88 13.01
CA HIS B 166 6.55 5.96 13.10
C HIS B 166 7.64 6.37 14.09
N GLY B 167 7.59 7.62 14.56
CA GLY B 167 8.60 8.08 15.50
C GLY B 167 9.71 8.85 14.83
N LYS B 168 10.60 9.44 15.62
CA LYS B 168 11.71 10.24 15.11
C LYS B 168 12.67 9.49 14.19
N TYR B 169 13.02 8.27 14.59
CA TYR B 169 13.91 7.43 13.80
C TYR B 169 13.80 5.97 14.21
N ALA B 170 14.34 5.08 13.40
CA ALA B 170 14.27 3.65 13.69
C ALA B 170 14.76 3.33 15.09
N ASN B 171 13.93 2.59 15.84
CA ASN B 171 14.28 2.20 17.21
C ASN B 171 14.37 3.34 18.22
N SER B 172 13.69 4.45 17.93
CA SER B 172 13.71 5.59 18.85
C SER B 172 13.00 5.24 20.15
N GLU B 173 11.95 4.43 20.05
CA GLU B 173 11.19 4.03 21.24
C GLU B 173 11.92 2.95 22.01
N VAL B 174 12.17 3.23 23.29
CA VAL B 174 12.89 2.30 24.16
C VAL B 174 12.18 0.94 24.28
N GLU B 175 10.87 0.92 24.09
CA GLU B 175 10.14 -0.34 24.18
C GLU B 175 10.55 -1.26 23.03
N VAL B 176 10.94 -0.66 21.91
CA VAL B 176 11.36 -1.40 20.73
C VAL B 176 12.85 -1.72 20.83
N LYS B 177 13.65 -0.70 21.11
CA LYS B 177 15.10 -0.88 21.25
C LYS B 177 15.46 -1.95 22.28
N SER B 178 14.65 -2.06 23.32
CA SER B 178 14.89 -3.05 24.37
C SER B 178 14.78 -4.46 23.79
N ILE B 179 13.82 -4.65 22.90
CA ILE B 179 13.63 -5.96 22.29
C ILE B 179 14.77 -6.21 21.29
N VAL B 180 15.08 -5.20 20.49
CA VAL B 180 16.15 -5.29 19.50
C VAL B 180 17.49 -5.67 20.15
N ASP B 181 17.84 -5.00 21.24
CA ASP B 181 19.11 -5.31 21.91
C ASP B 181 19.10 -6.72 22.50
N PHE B 182 17.96 -7.10 23.06
CA PHE B 182 17.84 -8.43 23.67
C PHE B 182 18.00 -9.53 22.64
N VAL B 183 17.25 -9.43 21.55
CA VAL B 183 17.30 -10.42 20.49
C VAL B 183 18.65 -10.46 19.79
N LYS B 184 19.23 -9.29 19.52
CA LYS B 184 20.53 -9.26 18.87
C LYS B 184 21.61 -9.88 19.76
N ASP B 185 21.58 -9.53 21.05
CA ASP B 185 22.54 -10.07 22.02
C ASP B 185 22.46 -11.59 22.09
N HIS B 186 21.23 -12.11 22.11
CA HIS B 186 20.98 -13.54 22.19
C HIS B 186 21.58 -14.23 20.97
N GLY B 187 21.21 -13.73 19.79
CA GLY B 187 21.74 -14.26 18.54
C GLY B 187 21.31 -15.65 18.09
N ASN B 188 20.40 -16.29 18.81
CA ASN B 188 19.97 -17.62 18.41
C ASN B 188 18.45 -17.82 18.46
N PHE B 189 17.71 -16.84 17.97
CA PHE B 189 16.25 -16.94 17.92
C PHE B 189 15.86 -17.58 16.59
N LYS B 190 14.96 -18.56 16.64
CA LYS B 190 14.51 -19.24 15.43
C LYS B 190 13.09 -18.83 15.05
N ALA B 191 12.35 -18.31 16.03
CA ALA B 191 10.98 -17.88 15.81
C ALA B 191 10.71 -16.53 16.50
N PHE B 192 9.87 -15.72 15.89
CA PHE B 192 9.54 -14.39 16.42
C PHE B 192 8.07 -14.14 16.10
N LEU B 193 7.22 -14.18 17.12
CA LEU B 193 5.79 -13.99 16.94
C LEU B 193 5.27 -12.74 17.67
N SER B 194 4.55 -11.91 16.94
CA SER B 194 3.98 -10.67 17.49
C SER B 194 2.46 -10.84 17.53
N ILE B 195 1.87 -10.70 18.72
CA ILE B 195 0.42 -10.88 18.88
C ILE B 195 -0.33 -9.55 18.97
N HIS B 196 -1.28 -9.35 18.06
CA HIS B 196 -2.08 -8.13 17.99
C HIS B 196 -3.56 -8.50 18.02
N SER B 197 -4.45 -7.53 17.92
CA SER B 197 -5.85 -7.92 17.98
C SER B 197 -6.83 -7.44 16.94
N TYR B 198 -7.71 -8.39 16.62
CA TYR B 198 -8.82 -8.25 15.72
C TYR B 198 -8.65 -8.04 14.21
N SER B 199 -9.26 -8.99 13.52
CA SER B 199 -9.32 -9.10 12.06
C SER B 199 -9.12 -10.59 11.76
N GLN B 200 -8.62 -11.33 12.75
CA GLN B 200 -8.38 -12.76 12.62
C GLN B 200 -7.52 -13.11 11.41
N LEU B 201 -6.25 -12.77 11.52
CA LEU B 201 -5.28 -13.03 10.45
C LEU B 201 -3.98 -13.56 11.03
N LEU B 202 -3.25 -14.32 10.21
CA LEU B 202 -1.93 -14.84 10.58
C LEU B 202 -1.10 -14.37 9.39
N LEU B 203 -0.18 -13.44 9.65
CA LEU B 203 0.63 -12.88 8.58
C LEU B 203 2.12 -13.15 8.71
N TYR B 204 2.79 -13.25 7.57
CA TYR B 204 4.23 -13.46 7.58
C TYR B 204 4.92 -12.26 6.92
N PRO B 205 6.23 -12.11 7.15
CA PRO B 205 7.10 -11.05 6.64
C PRO B 205 6.82 -10.24 5.41
N TYR B 206 7.14 -8.96 5.60
CA TYR B 206 7.04 -7.87 4.65
C TYR B 206 5.71 -7.18 4.44
N GLY B 207 5.63 -6.03 5.08
CA GLY B 207 4.48 -5.17 4.97
C GLY B 207 5.05 -3.91 4.36
N TYR B 208 6.37 -3.75 4.46
CA TYR B 208 7.03 -2.56 3.93
C TYR B 208 7.43 -2.65 2.45
N THR B 209 7.48 -3.86 1.91
CA THR B 209 7.87 -4.06 0.52
C THR B 209 7.06 -5.19 -0.13
N THR B 210 6.85 -5.09 -1.45
CA THR B 210 6.11 -6.11 -2.18
C THR B 210 6.98 -7.33 -2.46
N GLN B 211 8.26 -7.24 -2.11
CA GLN B 211 9.17 -8.35 -2.32
C GLN B 211 8.70 -9.56 -1.55
N SER B 212 8.61 -10.71 -2.21
CA SER B 212 8.19 -11.93 -1.54
C SER B 212 9.42 -12.45 -0.82
N ILE B 213 9.24 -12.93 0.41
CA ILE B 213 10.38 -13.46 1.16
C ILE B 213 10.90 -14.73 0.51
N PRO B 214 12.20 -15.01 0.67
CA PRO B 214 12.82 -16.21 0.09
C PRO B 214 12.16 -17.49 0.62
N ASP B 215 11.58 -17.38 1.82
CA ASP B 215 10.94 -18.51 2.47
C ASP B 215 9.41 -18.44 2.39
N LYS B 216 8.89 -17.73 1.39
CA LYS B 216 7.43 -17.59 1.27
C LYS B 216 6.68 -18.91 1.27
N THR B 217 7.10 -19.84 0.41
CA THR B 217 6.44 -21.14 0.33
C THR B 217 6.35 -21.85 1.69
N GLU B 218 7.46 -21.85 2.43
CA GLU B 218 7.47 -22.50 3.72
C GLU B 218 6.63 -21.80 4.77
N LEU B 219 6.78 -20.48 4.88
CA LEU B 219 5.99 -19.76 5.87
C LEU B 219 4.51 -19.81 5.53
N ASN B 220 4.19 -19.86 4.25
CA ASN B 220 2.79 -19.93 3.84
C ASN B 220 2.21 -21.28 4.25
N GLN B 221 3.02 -22.33 4.15
CA GLN B 221 2.58 -23.67 4.53
C GLN B 221 2.40 -23.73 6.04
N VAL B 222 3.32 -23.11 6.76
CA VAL B 222 3.25 -23.08 8.21
C VAL B 222 2.00 -22.34 8.64
N ALA B 223 1.74 -21.21 8.00
CA ALA B 223 0.56 -20.41 8.32
C ALA B 223 -0.72 -21.19 8.09
N LYS B 224 -0.77 -21.88 6.96
CA LYS B 224 -1.94 -22.69 6.61
C LYS B 224 -2.21 -23.74 7.67
N SER B 225 -1.17 -24.44 8.11
CA SER B 225 -1.30 -25.47 9.12
C SER B 225 -1.71 -24.87 10.46
N ALA B 226 -1.16 -23.70 10.77
CA ALA B 226 -1.46 -23.04 12.03
C ALA B 226 -2.91 -22.56 12.11
N VAL B 227 -3.42 -22.01 11.01
CA VAL B 227 -4.80 -21.53 11.02
C VAL B 227 -5.78 -22.68 11.13
N GLU B 228 -5.43 -23.82 10.55
CA GLU B 228 -6.32 -24.98 10.63
C GLU B 228 -6.36 -25.51 12.05
N ALA B 229 -5.22 -25.51 12.73
CA ALA B 229 -5.18 -25.99 14.11
C ALA B 229 -6.04 -25.07 14.98
N LEU B 230 -5.87 -23.75 14.79
CA LEU B 230 -6.63 -22.77 15.56
C LEU B 230 -8.13 -22.96 15.31
N LYS B 231 -8.49 -23.15 14.05
CA LYS B 231 -9.88 -23.32 13.66
C LYS B 231 -10.51 -24.59 14.23
N SER B 232 -9.71 -25.64 14.40
CA SER B 232 -10.22 -26.92 14.88
C SER B 232 -10.92 -26.91 16.22
N LEU B 233 -10.66 -25.91 17.05
CA LEU B 233 -11.26 -25.85 18.37
C LEU B 233 -12.69 -25.28 18.41
N TYR B 234 -12.86 -24.05 17.92
CA TYR B 234 -14.17 -23.41 17.94
C TYR B 234 -14.66 -22.98 16.56
N GLY B 235 -13.91 -23.30 15.51
CA GLY B 235 -14.32 -22.95 14.17
C GLY B 235 -13.98 -21.53 13.75
N THR B 236 -13.17 -20.84 14.55
CA THR B 236 -12.77 -19.47 14.25
C THR B 236 -11.95 -19.45 12.97
N SER B 237 -12.39 -18.64 12.01
CA SER B 237 -11.72 -18.55 10.71
C SER B 237 -10.71 -17.43 10.60
N TYR B 238 -9.49 -17.81 10.24
CA TYR B 238 -8.39 -16.87 10.05
C TYR B 238 -7.97 -16.90 8.60
N LYS B 239 -7.53 -15.76 8.09
CA LYS B 239 -7.02 -15.68 6.72
C LYS B 239 -5.52 -15.53 6.92
N TYR B 240 -4.72 -15.88 5.92
CA TYR B 240 -3.28 -15.76 6.07
C TYR B 240 -2.58 -15.36 4.78
N GLY B 241 -1.36 -14.84 4.93
CA GLY B 241 -0.58 -14.41 3.79
C GLY B 241 0.43 -13.37 4.24
N SER B 242 1.13 -12.74 3.31
CA SER B 242 2.11 -11.72 3.69
C SER B 242 1.32 -10.50 4.15
N ILE B 243 1.95 -9.69 4.99
CA ILE B 243 1.29 -8.48 5.49
C ILE B 243 0.78 -7.59 4.36
N ILE B 244 1.65 -7.27 3.41
CA ILE B 244 1.27 -6.37 2.33
C ILE B 244 0.19 -6.90 1.38
N THR B 245 0.24 -8.19 1.05
CA THR B 245 -0.75 -8.75 0.14
C THR B 245 -2.08 -9.04 0.83
N THR B 246 -2.05 -9.25 2.13
CA THR B 246 -3.28 -9.55 2.87
C THR B 246 -3.98 -8.29 3.37
N ILE B 247 -3.21 -7.37 3.95
CA ILE B 247 -3.80 -6.14 4.46
C ILE B 247 -3.41 -4.96 3.57
N TYR B 248 -2.24 -4.39 3.85
CA TYR B 248 -1.76 -3.27 3.07
C TYR B 248 -0.31 -2.99 3.42
N GLN B 249 0.35 -2.14 2.66
CA GLN B 249 1.73 -1.80 2.94
C GLN B 249 1.76 -1.19 4.33
N ALA B 250 2.74 -1.63 5.13
CA ALA B 250 2.94 -1.17 6.50
C ALA B 250 4.43 -1.25 6.77
N SER B 251 5.03 -0.13 7.13
CA SER B 251 6.46 -0.08 7.39
C SER B 251 6.83 -0.01 8.87
N GLY B 252 8.10 -0.31 9.16
CA GLY B 252 8.59 -0.28 10.52
C GLY B 252 8.02 -1.39 11.39
N GLY B 253 7.58 -2.48 10.76
CA GLY B 253 6.99 -3.59 11.50
C GLY B 253 7.97 -4.53 12.16
N SER B 254 7.56 -5.09 13.30
CA SER B 254 8.41 -6.01 14.08
C SER B 254 8.85 -7.29 13.37
N ILE B 255 7.94 -7.99 12.70
CA ILE B 255 8.35 -9.24 12.05
C ILE B 255 9.13 -9.01 10.75
N ASP B 256 9.06 -7.80 10.19
CA ASP B 256 9.82 -7.51 8.99
C ASP B 256 11.27 -7.38 9.47
N TRP B 257 11.43 -6.77 10.64
CA TRP B 257 12.74 -6.58 11.24
C TRP B 257 13.35 -7.91 11.69
N SER B 258 12.56 -8.72 12.39
CA SER B 258 13.05 -10.00 12.89
C SER B 258 13.45 -10.93 11.74
N TYR B 259 12.61 -10.98 10.71
CA TYR B 259 12.91 -11.83 9.57
C TYR B 259 14.22 -11.39 8.91
N ASN B 260 14.43 -10.08 8.83
CA ASN B 260 15.63 -9.54 8.24
C ASN B 260 16.86 -9.79 9.12
N GLN B 261 16.63 -10.21 10.36
CA GLN B 261 17.71 -10.52 11.29
C GLN B 261 18.11 -11.98 11.13
N GLY B 262 17.40 -12.69 10.24
CA GLY B 262 17.69 -14.09 10.01
C GLY B 262 16.78 -15.02 10.78
N ILE B 263 15.76 -14.46 11.43
CA ILE B 263 14.82 -15.26 12.20
C ILE B 263 13.71 -15.65 11.22
N LYS B 264 13.87 -16.85 10.67
CA LYS B 264 12.97 -17.41 9.67
C LYS B 264 11.47 -17.50 9.98
N TYR B 265 11.13 -18.00 11.16
CA TYR B 265 9.73 -18.16 11.53
C TYR B 265 9.15 -16.93 12.23
N SER B 266 8.96 -15.88 11.45
CA SER B 266 8.42 -14.62 11.95
C SER B 266 6.98 -14.46 11.49
N PHE B 267 6.06 -14.42 12.45
CA PHE B 267 4.64 -14.28 12.15
C PHE B 267 3.98 -13.29 13.09
N THR B 268 2.86 -12.73 12.66
CA THR B 268 2.10 -11.81 13.48
C THR B 268 0.66 -12.30 13.46
N PHE B 269 0.06 -12.40 14.64
CA PHE B 269 -1.32 -12.84 14.75
C PHE B 269 -2.19 -11.62 15.04
N GLU B 270 -3.35 -11.56 14.40
CA GLU B 270 -4.31 -10.50 14.66
C GLU B 270 -5.48 -11.31 15.23
N LEU B 271 -5.62 -11.28 16.54
CA LEU B 271 -6.65 -12.05 17.21
C LEU B 271 -8.11 -11.76 16.92
N ARG B 272 -8.96 -12.41 17.69
CA ARG B 272 -10.40 -12.38 17.56
C ARG B 272 -11.25 -11.18 17.30
N ASP B 273 -12.39 -11.54 16.73
CA ASP B 273 -13.43 -10.63 16.37
C ASP B 273 -13.05 -10.02 15.03
N THR B 274 -14.04 -9.90 14.16
CA THR B 274 -13.83 -9.34 12.84
C THR B 274 -14.43 -7.95 12.80
N GLY B 275 -14.88 -7.45 13.95
CA GLY B 275 -15.45 -6.12 14.00
C GLY B 275 -16.69 -5.96 14.87
N ARG B 276 -17.28 -7.06 15.29
CA ARG B 276 -18.47 -6.98 16.13
C ARG B 276 -18.18 -6.13 17.37
N TYR B 277 -17.08 -6.44 18.05
CA TYR B 277 -16.67 -5.71 19.24
C TYR B 277 -15.34 -5.01 19.04
N GLY B 278 -14.59 -5.44 18.03
CA GLY B 278 -13.31 -4.83 17.75
C GLY B 278 -12.33 -4.94 18.89
N PHE B 279 -11.83 -3.80 19.36
CA PHE B 279 -10.88 -3.78 20.46
C PHE B 279 -11.55 -4.02 21.80
N LEU B 280 -12.86 -3.80 21.87
CA LEU B 280 -13.60 -4.00 23.10
C LEU B 280 -14.17 -5.41 23.20
N LEU B 281 -13.33 -6.40 22.90
CA LEU B 281 -13.76 -7.80 22.95
C LEU B 281 -14.19 -8.17 24.37
N PRO B 282 -15.38 -8.79 24.51
CA PRO B 282 -15.93 -9.20 25.81
C PRO B 282 -14.99 -10.15 26.57
N ALA B 283 -14.91 -9.97 27.89
CA ALA B 283 -14.05 -10.80 28.72
C ALA B 283 -14.42 -12.27 28.58
N SER B 284 -15.67 -12.54 28.26
CA SER B 284 -16.14 -13.91 28.11
C SER B 284 -15.46 -14.62 26.94
N GLN B 285 -14.75 -13.87 26.11
CA GLN B 285 -14.06 -14.47 24.97
C GLN B 285 -12.56 -14.60 25.18
N ILE B 286 -12.08 -14.21 26.35
CA ILE B 286 -10.65 -14.29 26.63
C ILE B 286 -10.11 -15.72 26.58
N ILE B 287 -10.64 -16.59 27.43
CA ILE B 287 -10.18 -17.97 27.47
C ILE B 287 -10.33 -18.71 26.15
N PRO B 288 -11.50 -18.61 25.50
CA PRO B 288 -11.65 -19.33 24.22
C PRO B 288 -10.64 -18.83 23.19
N THR B 289 -10.43 -17.52 23.14
CA THR B 289 -9.48 -16.94 22.20
C THR B 289 -8.06 -17.45 22.47
N ALA B 290 -7.66 -17.42 23.74
CA ALA B 290 -6.33 -17.88 24.13
C ALA B 290 -6.15 -19.35 23.78
N GLN B 291 -7.15 -20.17 24.11
CA GLN B 291 -7.11 -21.60 23.83
C GLN B 291 -6.84 -21.91 22.36
N GLU B 292 -7.64 -21.35 21.48
CA GLU B 292 -7.51 -21.59 20.04
C GLU B 292 -6.22 -21.00 19.48
N THR B 293 -5.85 -19.82 19.95
CA THR B 293 -4.63 -19.17 19.46
C THR B 293 -3.44 -20.03 19.85
N TRP B 294 -3.49 -20.61 21.04
CA TRP B 294 -2.42 -21.48 21.51
C TRP B 294 -2.13 -22.60 20.51
N LEU B 295 -3.19 -23.21 19.98
CA LEU B 295 -3.04 -24.30 19.03
C LEU B 295 -2.27 -23.82 17.79
N GLY B 296 -2.55 -22.59 17.36
CA GLY B 296 -1.86 -22.04 16.20
C GLY B 296 -0.40 -21.79 16.50
N VAL B 297 -0.10 -21.21 17.67
CA VAL B 297 1.27 -20.91 18.07
C VAL B 297 2.08 -22.19 18.26
N LEU B 298 1.46 -23.19 18.85
CA LEU B 298 2.10 -24.48 19.07
C LEU B 298 2.51 -25.05 17.71
N THR B 299 1.60 -24.97 16.74
CA THR B 299 1.87 -25.48 15.41
C THR B 299 3.13 -24.84 14.84
N ILE B 300 3.29 -23.54 15.04
CA ILE B 300 4.47 -22.85 14.53
C ILE B 300 5.73 -23.32 15.27
N MET B 301 5.62 -23.48 16.58
CA MET B 301 6.77 -23.94 17.38
C MET B 301 7.24 -25.30 16.91
N GLU B 302 6.29 -26.19 16.61
CA GLU B 302 6.60 -27.53 16.15
C GLU B 302 7.37 -27.52 14.83
N HIS B 303 7.01 -26.62 13.92
CA HIS B 303 7.71 -26.54 12.64
C HIS B 303 9.09 -25.93 12.82
N THR B 304 9.30 -25.31 13.97
CA THR B 304 10.58 -24.68 14.28
C THR B 304 11.53 -25.68 14.95
N VAL B 305 10.97 -26.59 15.75
CA VAL B 305 11.77 -27.58 16.46
C VAL B 305 12.27 -28.70 15.54
N ASN B 306 11.48 -29.03 14.53
CA ASN B 306 11.86 -30.10 13.59
C ASN B 306 12.54 -29.56 12.34
N ASN B 307 12.76 -28.24 12.30
CA ASN B 307 13.40 -27.61 11.17
C ASN B 307 14.25 -26.42 11.61
N ALA C 1 42.46 -0.51 -13.22
CA ALA C 1 42.19 0.95 -13.06
C ALA C 1 41.78 1.28 -11.63
N ARG C 2 42.49 2.24 -11.04
CA ARG C 2 42.25 2.71 -9.68
C ARG C 2 41.33 3.93 -9.70
N SER C 3 40.91 4.33 -10.90
CA SER C 3 40.04 5.50 -11.07
C SER C 3 39.19 5.34 -12.34
N THR C 4 37.95 5.84 -12.30
CA THR C 4 37.09 5.74 -13.47
C THR C 4 37.68 6.60 -14.58
N ASN C 5 38.66 7.43 -14.23
CA ASN C 5 39.32 8.31 -15.19
C ASN C 5 40.38 7.57 -16.01
N THR C 6 40.75 6.37 -15.58
CA THR C 6 41.73 5.57 -16.29
C THR C 6 41.09 4.28 -16.79
N PHE C 7 39.80 4.14 -16.52
CA PHE C 7 39.03 2.97 -16.94
C PHE C 7 38.95 2.93 -18.47
N ASN C 8 39.15 1.76 -19.05
CA ASN C 8 39.10 1.64 -20.50
C ASN C 8 37.66 1.41 -20.95
N TYR C 9 37.03 2.47 -21.43
CA TYR C 9 35.65 2.44 -21.89
C TYR C 9 35.51 1.87 -23.30
N ALA C 10 36.65 1.69 -23.97
CA ALA C 10 36.67 1.17 -25.34
C ALA C 10 36.94 -0.32 -25.44
N THR C 11 36.69 -1.05 -24.37
CA THR C 11 36.90 -2.49 -24.38
C THR C 11 35.80 -3.13 -23.54
N TYR C 12 35.52 -4.40 -23.80
CA TYR C 12 34.51 -5.13 -23.05
C TYR C 12 35.09 -5.64 -21.74
N HIS C 13 34.28 -5.60 -20.69
CA HIS C 13 34.72 -6.03 -19.37
C HIS C 13 33.95 -7.21 -18.79
N THR C 14 34.49 -7.75 -17.71
CA THR C 14 33.91 -8.88 -17.01
C THR C 14 32.96 -8.35 -15.94
N LEU C 15 32.19 -9.25 -15.33
CA LEU C 15 31.27 -8.85 -14.28
C LEU C 15 32.04 -8.19 -13.14
N ASP C 16 33.15 -8.79 -12.74
CA ASP C 16 33.95 -8.24 -11.65
C ASP C 16 34.47 -6.83 -11.93
N GLU C 17 34.95 -6.61 -13.15
CA GLU C 17 35.47 -5.31 -13.52
C GLU C 17 34.38 -4.25 -13.49
N ILE C 18 33.18 -4.61 -13.94
CA ILE C 18 32.07 -3.67 -13.93
C ILE C 18 31.65 -3.36 -12.49
N TYR C 19 31.58 -4.39 -11.66
CA TYR C 19 31.19 -4.20 -10.27
C TYR C 19 32.23 -3.35 -9.54
N ASP C 20 33.50 -3.52 -9.87
CA ASP C 20 34.53 -2.70 -9.25
C ASP C 20 34.39 -1.27 -9.76
N PHE C 21 34.02 -1.13 -11.03
CA PHE C 21 33.82 0.19 -11.63
C PHE C 21 32.77 0.97 -10.83
N MET C 22 31.69 0.28 -10.47
CA MET C 22 30.61 0.90 -9.70
C MET C 22 31.14 1.51 -8.40
N ASP C 23 31.96 0.75 -7.67
CA ASP C 23 32.48 1.24 -6.41
C ASP C 23 33.41 2.45 -6.60
N LEU C 24 34.21 2.43 -7.66
CA LEU C 24 35.12 3.54 -7.93
C LEU C 24 34.31 4.81 -8.17
N LEU C 25 33.27 4.70 -8.99
CA LEU C 25 32.43 5.84 -9.32
C LEU C 25 31.75 6.41 -8.08
N VAL C 26 31.24 5.54 -7.22
CA VAL C 26 30.58 5.96 -5.99
C VAL C 26 31.57 6.66 -5.06
N ALA C 27 32.78 6.13 -4.99
CA ALA C 27 33.81 6.70 -4.14
C ALA C 27 34.20 8.10 -4.63
N GLU C 28 34.23 8.29 -5.95
CA GLU C 28 34.60 9.57 -6.56
C GLU C 28 33.49 10.62 -6.60
N HIS C 29 32.24 10.17 -6.62
CA HIS C 29 31.09 11.06 -6.69
C HIS C 29 30.04 10.65 -5.65
N PRO C 30 30.42 10.62 -4.37
CA PRO C 30 29.51 10.23 -3.28
C PRO C 30 28.25 11.06 -3.10
N GLN C 31 28.29 12.32 -3.54
CA GLN C 31 27.14 13.20 -3.38
C GLN C 31 26.12 13.05 -4.51
N LEU C 32 26.48 12.30 -5.54
CA LEU C 32 25.60 12.12 -6.68
C LEU C 32 25.20 10.67 -6.95
N VAL C 33 26.13 9.75 -6.71
CA VAL C 33 25.90 8.33 -6.99
C VAL C 33 25.97 7.41 -5.77
N SER C 34 25.08 6.43 -5.75
CA SER C 34 25.05 5.44 -4.68
C SER C 34 24.75 4.07 -5.29
N LYS C 35 25.30 3.01 -4.70
CA LYS C 35 25.08 1.66 -5.20
C LYS C 35 24.03 0.93 -4.36
N LEU C 36 22.98 0.45 -5.00
CA LEU C 36 21.91 -0.27 -4.31
C LEU C 36 21.85 -1.72 -4.77
N GLN C 37 21.69 -2.65 -3.82
CA GLN C 37 21.56 -4.05 -4.18
C GLN C 37 20.07 -4.32 -4.11
N ILE C 38 19.46 -4.62 -5.26
CA ILE C 38 18.03 -4.86 -5.28
C ILE C 38 17.61 -6.33 -5.22
N GLY C 39 18.59 -7.21 -5.09
CA GLY C 39 18.29 -8.63 -5.01
C GLY C 39 19.52 -9.49 -5.24
N ARG C 40 19.29 -10.79 -5.39
CA ARG C 40 20.36 -11.74 -5.64
C ARG C 40 19.92 -12.61 -6.81
N SER C 41 20.84 -12.83 -7.75
CA SER C 41 20.56 -13.64 -8.93
C SER C 41 20.28 -15.09 -8.53
N TYR C 42 19.87 -15.90 -9.50
CA TYR C 42 19.59 -17.30 -9.22
C TYR C 42 20.81 -17.97 -8.57
N GLU C 43 22.00 -17.66 -9.07
CA GLU C 43 23.21 -18.27 -8.52
C GLU C 43 23.81 -17.46 -7.37
N GLY C 44 23.00 -16.61 -6.76
CA GLY C 44 23.41 -15.83 -5.61
C GLY C 44 24.26 -14.58 -5.79
N ARG C 45 24.50 -14.14 -7.03
CA ARG C 45 25.30 -12.94 -7.23
C ARG C 45 24.46 -11.71 -6.93
N PRO C 46 25.07 -10.68 -6.30
CA PRO C 46 24.33 -9.46 -5.99
C PRO C 46 23.88 -8.78 -7.26
N ILE C 47 22.70 -8.17 -7.23
CA ILE C 47 22.15 -7.45 -8.37
C ILE C 47 22.20 -5.98 -7.99
N TYR C 48 23.04 -5.22 -8.69
CA TYR C 48 23.23 -3.80 -8.39
C TYR C 48 22.60 -2.78 -9.32
N VAL C 49 22.17 -1.68 -8.71
CA VAL C 49 21.57 -0.56 -9.42
C VAL C 49 22.30 0.70 -8.97
N LEU C 50 22.68 1.54 -9.92
CA LEU C 50 23.35 2.79 -9.56
C LEU C 50 22.30 3.89 -9.52
N LYS C 51 22.20 4.54 -8.38
CA LYS C 51 21.24 5.62 -8.21
C LYS C 51 21.94 6.95 -8.35
N PHE C 52 21.44 7.78 -9.26
CA PHE C 52 21.99 9.12 -9.47
C PHE C 52 20.92 10.08 -8.95
N SER C 53 21.29 10.89 -7.96
CA SER C 53 20.34 11.81 -7.35
C SER C 53 21.06 13.01 -6.75
N THR C 54 20.41 14.17 -6.78
CA THR C 54 20.98 15.38 -6.21
C THR C 54 20.22 15.73 -4.93
N GLY C 55 19.39 14.80 -4.48
CA GLY C 55 18.64 15.02 -3.25
C GLY C 55 17.17 14.66 -3.36
N GLY C 56 16.36 15.29 -2.52
CA GLY C 56 14.93 15.06 -2.54
C GLY C 56 14.47 13.77 -1.89
N SER C 57 13.16 13.57 -1.87
CA SER C 57 12.56 12.37 -1.29
C SER C 57 11.67 11.69 -2.32
N ASN C 58 12.09 10.53 -2.78
CA ASN C 58 11.29 9.78 -3.74
C ASN C 58 10.97 10.64 -4.97
N ARG C 59 11.97 11.34 -5.49
CA ARG C 59 11.77 12.20 -6.66
C ARG C 59 11.38 11.39 -7.89
N PRO C 60 10.63 12.01 -8.81
CA PRO C 60 10.22 11.33 -10.03
C PRO C 60 11.47 10.69 -10.61
N ALA C 61 11.35 9.45 -11.08
CA ALA C 61 12.52 8.76 -11.57
C ALA C 61 12.48 8.18 -12.97
N ILE C 62 13.67 7.92 -13.48
CA ILE C 62 13.87 7.34 -14.79
C ILE C 62 14.60 6.02 -14.56
N TRP C 63 14.04 4.92 -15.06
CA TRP C 63 14.66 3.61 -14.92
C TRP C 63 15.34 3.20 -16.22
N ILE C 64 16.53 2.63 -16.11
CA ILE C 64 17.25 2.17 -17.29
C ILE C 64 17.90 0.83 -16.97
N ASP C 65 17.53 -0.21 -17.72
CA ASP C 65 18.10 -1.52 -17.50
C ASP C 65 18.82 -1.95 -18.76
N LEU C 66 19.96 -2.60 -18.58
CA LEU C 66 20.76 -3.08 -19.69
C LEU C 66 21.25 -4.48 -19.40
N GLY C 67 21.58 -5.22 -20.44
CA GLY C 67 22.08 -6.57 -20.27
C GLY C 67 21.13 -7.62 -19.76
N ILE C 68 19.82 -7.45 -19.95
CA ILE C 68 18.89 -8.46 -19.47
C ILE C 68 19.14 -9.73 -20.31
N HIS C 69 19.63 -9.53 -21.54
CA HIS C 69 19.99 -10.63 -22.43
C HIS C 69 21.52 -10.59 -22.42
N SER C 70 22.12 -11.51 -21.68
CA SER C 70 23.57 -11.54 -21.48
C SER C 70 24.54 -11.36 -22.66
N ARG C 71 24.24 -11.97 -23.81
CA ARG C 71 25.13 -11.86 -24.96
C ARG C 71 25.17 -10.49 -25.64
N GLU C 72 24.23 -9.63 -25.29
CA GLU C 72 24.17 -8.30 -25.89
C GLU C 72 25.16 -7.36 -25.21
N TRP C 73 26.43 -7.76 -25.25
CA TRP C 73 27.55 -7.03 -24.64
C TRP C 73 27.62 -5.54 -24.87
N ILE C 74 27.18 -5.08 -26.04
CA ILE C 74 27.24 -3.66 -26.31
C ILE C 74 26.38 -2.89 -25.31
N THR C 75 25.35 -3.54 -24.75
CA THR C 75 24.50 -2.85 -23.78
C THR C 75 25.20 -2.62 -22.44
N GLN C 76 25.78 -3.67 -21.84
CA GLN C 76 26.46 -3.45 -20.57
C GLN C 76 27.61 -2.45 -20.72
N ALA C 77 28.31 -2.51 -21.86
CA ALA C 77 29.42 -1.58 -22.09
C ALA C 77 28.88 -0.15 -22.23
N THR C 78 27.68 -0.03 -22.76
CA THR C 78 27.06 1.27 -22.91
C THR C 78 26.59 1.76 -21.53
N GLY C 79 26.19 0.81 -20.69
CA GLY C 79 25.74 1.16 -19.35
C GLY C 79 26.87 1.78 -18.55
N VAL C 80 28.05 1.20 -18.67
CA VAL C 80 29.22 1.72 -17.95
C VAL C 80 29.54 3.13 -18.42
N TRP C 81 29.49 3.34 -19.73
CA TRP C 81 29.77 4.65 -20.30
C TRP C 81 28.72 5.65 -19.81
N PHE C 82 27.48 5.21 -19.76
CA PHE C 82 26.37 6.04 -19.30
C PHE C 82 26.64 6.55 -17.88
N ALA C 83 26.99 5.63 -16.98
CA ALA C 83 27.27 5.98 -15.59
C ALA C 83 28.32 7.08 -15.48
N LYS C 84 29.40 6.93 -16.22
CA LYS C 84 30.48 7.91 -16.21
C LYS C 84 29.98 9.22 -16.80
N LYS C 85 29.26 9.11 -17.92
CA LYS C 85 28.72 10.29 -18.59
C LYS C 85 27.89 11.17 -17.66
N PHE C 86 27.03 10.56 -16.84
CA PHE C 86 26.18 11.32 -15.92
C PHE C 86 27.01 12.14 -14.92
N THR C 87 28.11 11.56 -14.44
CA THR C 87 28.95 12.26 -13.47
C THR C 87 29.79 13.37 -14.11
N GLU C 88 30.00 13.29 -15.41
CA GLU C 88 30.77 14.31 -16.12
C GLU C 88 29.88 15.46 -16.59
N ASP C 89 28.65 15.14 -16.96
CA ASP C 89 27.73 16.16 -17.45
C ASP C 89 26.88 16.92 -16.43
N TYR C 90 26.69 16.37 -15.24
CA TYR C 90 25.91 17.10 -14.25
C TYR C 90 26.72 18.32 -13.84
N GLY C 91 26.15 19.50 -14.04
CA GLY C 91 26.85 20.73 -13.70
C GLY C 91 27.59 21.29 -14.90
N GLN C 92 27.51 20.59 -16.03
CA GLN C 92 28.19 21.03 -17.25
C GLN C 92 27.20 21.25 -18.39
N ASP C 93 26.28 20.31 -18.58
CA ASP C 93 25.27 20.43 -19.63
C ASP C 93 23.96 20.91 -18.99
N PRO C 94 23.49 22.12 -19.35
CA PRO C 94 22.26 22.69 -18.80
C PRO C 94 21.08 21.73 -18.75
N SER C 95 20.81 21.06 -19.86
CA SER C 95 19.69 20.13 -19.92
C SER C 95 19.81 18.96 -18.97
N PHE C 96 20.94 18.26 -19.01
CA PHE C 96 21.12 17.13 -18.11
C PHE C 96 21.08 17.58 -16.66
N THR C 97 21.71 18.72 -16.38
CA THR C 97 21.73 19.25 -15.02
C THR C 97 20.30 19.50 -14.54
N ALA C 98 19.47 20.07 -15.40
CA ALA C 98 18.09 20.36 -15.05
C ALA C 98 17.33 19.06 -14.74
N ILE C 99 17.61 18.02 -15.50
CA ILE C 99 16.96 16.73 -15.28
C ILE C 99 17.32 16.15 -13.92
N LEU C 100 18.60 16.19 -13.57
CA LEU C 100 19.05 15.64 -12.30
C LEU C 100 18.72 16.51 -11.09
N ASP C 101 18.44 17.79 -11.33
CA ASP C 101 18.08 18.68 -10.23
C ASP C 101 16.64 18.46 -9.78
N SER C 102 15.86 17.77 -10.62
CA SER C 102 14.46 17.49 -10.30
C SER C 102 14.09 16.01 -10.34
N MET C 103 14.97 15.19 -10.95
CA MET C 103 14.69 13.77 -11.07
C MET C 103 15.85 12.86 -10.68
N ASP C 104 15.53 11.59 -10.41
CA ASP C 104 16.54 10.59 -10.07
C ASP C 104 16.62 9.60 -11.23
N ILE C 105 17.80 9.02 -11.43
CA ILE C 105 17.99 8.04 -12.48
C ILE C 105 18.54 6.77 -11.85
N PHE C 106 17.90 5.64 -12.15
CA PHE C 106 18.35 4.36 -11.61
C PHE C 106 18.86 3.54 -12.79
N LEU C 107 20.15 3.19 -12.74
CA LEU C 107 20.80 2.45 -13.82
C LEU C 107 21.24 1.04 -13.44
N GLU C 108 20.70 0.04 -14.11
CA GLU C 108 21.10 -1.34 -13.84
C GLU C 108 21.92 -1.81 -15.05
N ILE C 109 23.24 -1.78 -14.89
CA ILE C 109 24.17 -2.15 -15.96
C ILE C 109 24.16 -3.62 -16.36
N VAL C 110 24.07 -4.52 -15.38
CA VAL C 110 24.03 -5.95 -15.65
C VAL C 110 22.80 -6.58 -15.01
N THR C 111 21.68 -6.53 -15.72
CA THR C 111 20.42 -7.06 -15.21
C THR C 111 20.41 -8.59 -15.08
N ASN C 112 21.28 -9.26 -15.84
CA ASN C 112 21.38 -10.73 -15.84
C ASN C 112 22.84 -11.11 -15.62
N PRO C 113 23.33 -10.99 -14.37
CA PRO C 113 24.72 -11.30 -14.02
C PRO C 113 25.16 -12.75 -14.22
N ASP C 114 24.29 -13.71 -13.92
CA ASP C 114 24.65 -15.11 -14.10
C ASP C 114 24.91 -15.41 -15.56
N GLY C 115 24.02 -14.90 -16.42
CA GLY C 115 24.19 -15.11 -17.83
C GLY C 115 25.42 -14.39 -18.33
N PHE C 116 25.67 -13.20 -17.80
CA PHE C 116 26.83 -12.42 -18.21
C PHE C 116 28.09 -13.21 -17.90
N ALA C 117 28.18 -13.75 -16.69
CA ALA C 117 29.34 -14.54 -16.30
C ALA C 117 29.48 -15.76 -17.21
N PHE C 118 28.34 -16.31 -17.63
CA PHE C 118 28.34 -17.47 -18.51
C PHE C 118 28.86 -17.13 -19.91
N THR C 119 28.56 -15.92 -20.38
CA THR C 119 29.01 -15.51 -21.71
C THR C 119 30.51 -15.30 -21.73
N HIS C 120 31.09 -15.12 -20.55
CA HIS C 120 32.52 -14.90 -20.41
C HIS C 120 33.26 -16.21 -20.17
N SER C 121 32.58 -17.16 -19.54
CA SER C 121 33.18 -18.45 -19.19
C SER C 121 32.86 -19.68 -20.04
N GLN C 122 31.64 -19.79 -20.52
CA GLN C 122 31.26 -20.97 -21.27
C GLN C 122 30.67 -20.81 -22.66
N ASN C 123 29.77 -19.85 -22.81
CA ASN C 123 29.09 -19.67 -24.09
C ASN C 123 28.87 -18.18 -24.35
N ARG C 124 29.67 -17.61 -25.24
CA ARG C 124 29.57 -16.20 -25.57
C ARG C 124 28.18 -15.77 -26.04
N LEU C 125 27.43 -16.69 -26.64
CA LEU C 125 26.10 -16.38 -27.14
C LEU C 125 24.91 -16.73 -26.24
N TRP C 126 25.17 -17.05 -24.98
CA TRP C 126 24.08 -17.37 -24.06
C TRP C 126 23.27 -16.10 -23.83
N ARG C 127 21.94 -16.23 -23.81
CA ARG C 127 21.08 -15.05 -23.62
C ARG C 127 20.11 -15.13 -22.44
N LYS C 128 19.77 -16.33 -22.00
CA LYS C 128 18.83 -16.50 -20.91
C LYS C 128 19.45 -16.40 -19.53
N THR C 129 18.63 -16.62 -18.50
CA THR C 129 19.10 -16.61 -17.13
C THR C 129 19.75 -17.98 -16.96
N ARG C 130 20.16 -18.32 -15.74
CA ARG C 130 20.79 -19.62 -15.49
C ARG C 130 20.00 -20.48 -14.49
N SER C 131 18.69 -20.22 -14.39
CA SER C 131 17.86 -20.98 -13.46
C SER C 131 17.72 -22.43 -13.92
N VAL C 132 17.67 -23.35 -12.97
CA VAL C 132 17.54 -24.77 -13.29
C VAL C 132 16.08 -25.18 -13.27
N THR C 133 15.64 -25.89 -14.31
CA THR C 133 14.26 -26.35 -14.40
C THR C 133 14.11 -27.74 -13.82
N SER C 134 13.04 -27.94 -13.04
CA SER C 134 12.76 -29.21 -12.38
C SER C 134 12.94 -30.44 -13.27
N SER C 135 12.03 -30.64 -14.21
CA SER C 135 12.09 -31.79 -15.11
C SER C 135 12.62 -31.42 -16.50
N SER C 136 13.89 -31.03 -16.56
CA SER C 136 14.50 -30.66 -17.82
C SER C 136 16.02 -30.57 -17.71
N LEU C 137 16.70 -30.90 -18.80
CA LEU C 137 18.16 -30.85 -18.84
C LEU C 137 18.61 -29.49 -19.35
N CYS C 138 17.66 -28.67 -19.78
CA CYS C 138 17.96 -27.34 -20.29
C CYS C 138 17.95 -26.31 -19.16
N VAL C 139 18.70 -25.23 -19.36
CA VAL C 139 18.83 -24.19 -18.35
C VAL C 139 18.43 -22.80 -18.81
N GLY C 140 17.92 -22.01 -17.87
CA GLY C 140 17.56 -20.64 -18.17
C GLY C 140 16.20 -20.28 -18.75
N VAL C 141 15.88 -19.01 -18.58
CA VAL C 141 14.62 -18.42 -19.06
C VAL C 141 14.95 -17.12 -19.78
N ASP C 142 14.13 -16.78 -20.77
CA ASP C 142 14.33 -15.53 -21.49
C ASP C 142 13.72 -14.49 -20.55
N ALA C 143 14.58 -13.83 -19.78
CA ALA C 143 14.13 -12.82 -18.82
C ALA C 143 13.20 -11.76 -19.41
N ASN C 144 13.34 -11.45 -20.70
CA ASN C 144 12.46 -10.42 -21.27
C ASN C 144 11.17 -10.98 -21.85
N ARG C 145 10.78 -12.17 -21.40
CA ARG C 145 9.54 -12.80 -21.82
C ARG C 145 8.91 -13.36 -20.56
N ASN C 146 9.48 -12.97 -19.43
CA ASN C 146 9.04 -13.44 -18.12
C ASN C 146 8.21 -12.41 -17.32
N TRP C 147 8.05 -11.21 -17.86
CA TRP C 147 7.30 -10.16 -17.18
C TRP C 147 5.79 -10.39 -17.22
N ASP C 148 5.08 -9.87 -16.22
CA ASP C 148 3.64 -10.05 -16.16
C ASP C 148 2.89 -9.06 -17.04
N ALA C 149 2.96 -9.31 -18.34
CA ALA C 149 2.30 -8.50 -19.34
C ALA C 149 2.10 -9.46 -20.50
N GLY C 150 0.89 -10.02 -20.60
CA GLY C 150 0.62 -10.98 -21.65
C GLY C 150 1.48 -12.21 -21.44
N PHE C 151 1.82 -12.49 -20.20
CA PHE C 151 2.68 -13.64 -19.90
C PHE C 151 2.08 -14.94 -20.39
N GLY C 152 2.90 -15.73 -21.09
CA GLY C 152 2.44 -17.02 -21.58
C GLY C 152 1.68 -16.99 -22.89
N LYS C 153 1.41 -15.81 -23.42
CA LYS C 153 0.70 -15.70 -24.68
C LYS C 153 1.64 -15.76 -25.88
N ALA C 154 1.07 -15.84 -27.08
CA ALA C 154 1.82 -15.89 -28.32
C ALA C 154 2.97 -14.89 -28.28
N GLY C 155 4.14 -15.29 -28.76
CA GLY C 155 5.28 -14.40 -28.75
C GLY C 155 6.34 -14.85 -27.76
N ALA C 156 6.19 -16.09 -27.28
CA ALA C 156 7.12 -16.69 -26.33
C ALA C 156 6.89 -18.20 -26.36
N SER C 157 7.85 -18.96 -25.85
CA SER C 157 7.76 -20.41 -25.84
C SER C 157 7.57 -21.00 -24.44
N SER C 158 6.81 -22.08 -24.34
CA SER C 158 6.57 -22.73 -23.06
C SER C 158 7.54 -23.91 -22.89
N SER C 159 8.44 -24.07 -23.84
CA SER C 159 9.41 -25.16 -23.78
C SER C 159 10.72 -24.70 -23.13
N PRO C 160 11.07 -25.30 -21.98
CA PRO C 160 12.28 -24.96 -21.24
C PRO C 160 13.56 -24.92 -22.08
N CYS C 161 13.62 -25.77 -23.10
CA CYS C 161 14.79 -25.82 -23.95
C CYS C 161 14.89 -24.71 -24.98
N SER C 162 13.79 -24.01 -25.19
CA SER C 162 13.77 -22.92 -26.17
C SER C 162 14.56 -21.70 -25.70
N GLU C 163 15.13 -20.99 -26.67
CA GLU C 163 15.91 -19.78 -26.42
C GLU C 163 14.99 -18.64 -25.98
N THR C 164 13.69 -18.82 -26.21
CA THR C 164 12.70 -17.81 -25.86
C THR C 164 11.69 -18.34 -24.84
N TYR C 165 12.13 -19.28 -24.01
CA TYR C 165 11.28 -19.86 -22.97
C TYR C 165 10.87 -18.76 -21.98
N HIS C 166 9.56 -18.66 -21.73
CA HIS C 166 9.08 -17.63 -20.82
C HIS C 166 9.15 -17.95 -19.31
N GLY C 167 9.41 -19.22 -18.97
CA GLY C 167 9.49 -19.59 -17.57
C GLY C 167 8.19 -20.16 -17.02
N LYS C 168 8.22 -20.69 -15.80
CA LYS C 168 7.05 -21.29 -15.17
C LYS C 168 5.86 -20.36 -14.95
N TYR C 169 6.13 -19.11 -14.61
CA TYR C 169 5.06 -18.14 -14.38
C TYR C 169 5.65 -16.73 -14.39
N ALA C 170 4.80 -15.73 -14.58
CA ALA C 170 5.28 -14.36 -14.62
C ALA C 170 6.09 -14.02 -13.37
N ASN C 171 7.26 -13.42 -13.57
CA ASN C 171 8.15 -13.02 -12.49
C ASN C 171 8.87 -14.18 -11.79
N SER C 172 8.89 -15.35 -12.42
CA SER C 172 9.55 -16.51 -11.84
C SER C 172 11.06 -16.26 -11.66
N GLU C 173 11.63 -15.50 -12.58
CA GLU C 173 13.06 -15.16 -12.51
C GLU C 173 13.32 -14.03 -11.53
N VAL C 174 14.17 -14.29 -10.55
CA VAL C 174 14.47 -13.28 -9.54
C VAL C 174 15.06 -12.02 -10.16
N GLU C 175 15.73 -12.16 -11.31
CA GLU C 175 16.32 -11.01 -11.97
C GLU C 175 15.24 -10.03 -12.43
N VAL C 176 14.06 -10.58 -12.75
CA VAL C 176 12.93 -9.76 -13.20
C VAL C 176 12.14 -9.26 -11.99
N LYS C 177 11.81 -10.17 -11.08
CA LYS C 177 11.05 -9.84 -9.88
C LYS C 177 11.74 -8.72 -9.09
N SER C 178 13.06 -8.75 -9.05
CA SER C 178 13.83 -7.74 -8.31
C SER C 178 13.53 -6.33 -8.83
N ILE C 179 13.39 -6.20 -10.14
CA ILE C 179 13.11 -4.90 -10.72
C ILE C 179 11.65 -4.53 -10.45
N VAL C 180 10.76 -5.49 -10.64
CA VAL C 180 9.34 -5.28 -10.41
C VAL C 180 9.08 -4.77 -9.00
N ASP C 181 9.63 -5.45 -8.00
CA ASP C 181 9.43 -5.03 -6.62
C ASP C 181 9.99 -3.64 -6.36
N PHE C 182 11.20 -3.38 -6.85
CA PHE C 182 11.83 -2.08 -6.64
C PHE C 182 10.98 -0.96 -7.24
N VAL C 183 10.61 -1.12 -8.50
CA VAL C 183 9.80 -0.13 -9.19
C VAL C 183 8.43 0.05 -8.55
N LYS C 184 7.80 -1.05 -8.15
CA LYS C 184 6.49 -0.97 -7.51
C LYS C 184 6.58 -0.25 -6.16
N ASP C 185 7.56 -0.62 -5.36
CA ASP C 185 7.75 0.00 -4.05
C ASP C 185 8.05 1.49 -4.19
N HIS C 186 8.85 1.85 -5.20
CA HIS C 186 9.23 3.25 -5.44
C HIS C 186 7.98 4.06 -5.76
N GLY C 187 7.19 3.56 -6.71
CA GLY C 187 5.95 4.21 -7.09
C GLY C 187 5.99 5.56 -7.77
N ASN C 188 7.17 6.08 -8.06
CA ASN C 188 7.24 7.38 -8.72
C ASN C 188 8.15 7.43 -9.94
N PHE C 189 8.18 6.34 -10.70
CA PHE C 189 8.98 6.28 -11.92
C PHE C 189 8.14 6.88 -13.06
N LYS C 190 8.77 7.71 -13.88
CA LYS C 190 8.08 8.36 -14.98
C LYS C 190 8.51 7.82 -16.35
N ALA C 191 9.68 7.21 -16.39
CA ALA C 191 10.19 6.62 -17.62
C ALA C 191 10.83 5.28 -17.29
N PHE C 192 10.75 4.34 -18.22
CA PHE C 192 11.31 3.01 -18.05
C PHE C 192 11.94 2.63 -19.39
N LEU C 193 13.27 2.62 -19.44
CA LEU C 193 13.98 2.31 -20.66
C LEU C 193 14.78 1.01 -20.54
N SER C 194 14.55 0.09 -21.48
CA SER C 194 15.24 -1.20 -21.52
C SER C 194 16.15 -1.20 -22.73
N ILE C 195 17.44 -1.48 -22.51
CA ILE C 195 18.42 -1.45 -23.59
C ILE C 195 18.89 -2.83 -24.05
N HIS C 196 18.70 -3.11 -25.33
CA HIS C 196 19.06 -4.39 -25.95
C HIS C 196 19.98 -4.18 -27.15
N SER C 197 20.40 -5.25 -27.80
CA SER C 197 21.29 -5.03 -28.94
C SER C 197 20.98 -5.57 -30.32
N TYR C 198 21.36 -4.73 -31.27
CA TYR C 198 21.25 -4.94 -32.70
C TYR C 198 19.91 -5.13 -33.38
N SER C 199 19.75 -4.27 -34.38
CA SER C 199 18.60 -4.14 -35.26
C SER C 199 18.41 -2.63 -35.39
N GLN C 200 18.97 -1.89 -34.42
CA GLN C 200 18.87 -0.43 -34.43
C GLN C 200 17.42 0.03 -34.50
N LEU C 201 16.70 -0.21 -33.41
CA LEU C 201 15.30 0.13 -33.28
C LEU C 201 15.02 0.82 -31.96
N LEU C 202 13.98 1.64 -31.95
CA LEU C 202 13.51 2.33 -30.76
C LEU C 202 12.02 2.01 -30.78
N LEU C 203 11.59 1.17 -29.84
CA LEU C 203 10.20 0.73 -29.80
C LEU C 203 9.43 1.19 -28.58
N TYR C 204 8.12 1.33 -28.74
CA TYR C 204 7.28 1.70 -27.62
C TYR C 204 6.26 0.58 -27.41
N PRO C 205 5.63 0.55 -26.23
CA PRO C 205 4.63 -0.39 -25.73
C PRO C 205 3.76 -1.24 -26.61
N TYR C 206 3.69 -2.48 -26.12
CA TYR C 206 2.94 -3.58 -26.66
C TYR C 206 3.54 -4.35 -27.83
N GLY C 207 4.05 -5.51 -27.43
CA GLY C 207 4.60 -6.47 -28.36
C GLY C 207 3.68 -7.67 -28.23
N TYR C 208 2.98 -7.77 -27.10
CA TYR C 208 2.08 -8.91 -26.87
C TYR C 208 0.69 -8.73 -27.49
N THR C 209 0.31 -7.49 -27.77
CA THR C 209 -1.00 -7.21 -28.35
C THR C 209 -0.94 -6.12 -29.43
N THR C 210 -1.82 -6.22 -30.41
CA THR C 210 -1.90 -5.24 -31.49
C THR C 210 -2.67 -4.00 -31.03
N GLN C 211 -3.22 -4.06 -29.82
CA GLN C 211 -3.96 -2.93 -29.27
C GLN C 211 -3.05 -1.70 -29.18
N SER C 212 -3.53 -0.56 -29.66
CA SER C 212 -2.73 0.66 -29.61
C SER C 212 -2.82 1.31 -28.23
N ILE C 213 -1.68 1.72 -27.68
CA ILE C 213 -1.68 2.34 -26.37
C ILE C 213 -2.33 3.73 -26.43
N PRO C 214 -2.91 4.18 -25.31
CA PRO C 214 -3.56 5.49 -25.25
C PRO C 214 -2.61 6.66 -25.58
N ASP C 215 -1.32 6.46 -25.31
CA ASP C 215 -0.32 7.50 -25.55
C ASP C 215 0.51 7.25 -26.81
N LYS C 216 -0.05 6.53 -27.78
CA LYS C 216 0.69 6.22 -28.99
C LYS C 216 1.21 7.44 -29.75
N THR C 217 0.38 8.46 -29.92
CA THR C 217 0.79 9.65 -30.67
C THR C 217 2.01 10.34 -30.04
N GLU C 218 1.99 10.49 -28.71
CA GLU C 218 3.09 11.14 -28.02
C GLU C 218 4.35 10.29 -28.03
N LEU C 219 4.24 9.01 -27.68
CA LEU C 219 5.42 8.17 -27.66
C LEU C 219 6.05 8.04 -29.04
N ASN C 220 5.22 7.98 -30.07
CA ASN C 220 5.72 7.86 -31.43
C ASN C 220 6.54 9.09 -31.81
N GLN C 221 6.05 10.27 -31.43
CA GLN C 221 6.77 11.51 -31.74
C GLN C 221 8.02 11.59 -30.90
N VAL C 222 7.93 11.19 -29.63
CA VAL C 222 9.12 11.20 -28.78
C VAL C 222 10.16 10.28 -29.42
N ALA C 223 9.70 9.13 -29.90
CA ALA C 223 10.60 8.17 -30.53
C ALA C 223 11.25 8.81 -31.75
N LYS C 224 10.45 9.45 -32.59
CA LYS C 224 10.95 10.10 -33.78
C LYS C 224 12.05 11.12 -33.42
N SER C 225 11.80 11.91 -32.38
CA SER C 225 12.78 12.91 -31.94
C SER C 225 14.04 12.24 -31.41
N ALA C 226 13.87 11.15 -30.67
CA ALA C 226 15.01 10.44 -30.10
C ALA C 226 15.91 9.85 -31.18
N VAL C 227 15.31 9.23 -32.20
CA VAL C 227 16.11 8.65 -33.29
C VAL C 227 16.80 9.74 -34.11
N GLU C 228 16.18 10.90 -34.24
CA GLU C 228 16.81 11.99 -34.98
C GLU C 228 18.04 12.48 -34.23
N ALA C 229 17.94 12.59 -32.91
CA ALA C 229 19.05 13.04 -32.09
C ALA C 229 20.19 12.01 -32.18
N LEU C 230 19.83 10.74 -32.04
CA LEU C 230 20.81 9.66 -32.10
C LEU C 230 21.55 9.69 -33.44
N LYS C 231 20.78 9.79 -34.53
CA LYS C 231 21.36 9.81 -35.87
C LYS C 231 22.29 11.00 -36.13
N SER C 232 21.96 12.13 -35.53
CA SER C 232 22.71 13.37 -35.73
C SER C 232 24.20 13.33 -35.42
N LEU C 233 24.65 12.31 -34.69
CA LEU C 233 26.06 12.26 -34.36
C LEU C 233 26.91 11.56 -35.42
N TYR C 234 26.52 10.35 -35.80
CA TYR C 234 27.29 9.59 -36.78
C TYR C 234 26.47 9.13 -37.98
N GLY C 235 25.19 9.48 -38.00
CA GLY C 235 24.34 9.09 -39.12
C GLY C 235 23.70 7.74 -38.98
N THR C 236 23.78 7.15 -37.80
CA THR C 236 23.21 5.83 -37.54
C THR C 236 21.68 5.91 -37.65
N SER C 237 21.12 5.14 -38.59
CA SER C 237 19.68 5.15 -38.79
C SER C 237 18.93 4.11 -37.95
N TYR C 238 17.91 4.59 -37.24
CA TYR C 238 17.09 3.75 -36.40
C TYR C 238 15.66 3.81 -36.93
N LYS C 239 14.93 2.72 -36.77
CA LYS C 239 13.53 2.69 -37.18
C LYS C 239 12.80 2.65 -35.85
N TYR C 240 11.58 3.19 -35.81
CA TYR C 240 10.80 3.21 -34.58
C TYR C 240 9.33 2.86 -34.80
N GLY C 241 8.64 2.57 -33.70
CA GLY C 241 7.23 2.19 -33.75
C GLY C 241 6.96 1.23 -32.61
N SER C 242 5.78 0.62 -32.58
CA SER C 242 5.45 -0.31 -31.49
C SER C 242 6.20 -1.63 -31.72
N ILE C 243 6.44 -2.38 -30.65
CA ILE C 243 7.15 -3.65 -30.77
C ILE C 243 6.50 -4.59 -31.77
N ILE C 244 5.21 -4.85 -31.58
CA ILE C 244 4.51 -5.78 -32.45
C ILE C 244 4.45 -5.40 -33.93
N THR C 245 4.32 -4.11 -34.23
CA THR C 245 4.25 -3.70 -35.63
C THR C 245 5.64 -3.50 -36.24
N THR C 246 6.66 -3.40 -35.40
CA THR C 246 8.01 -3.19 -35.90
C THR C 246 8.84 -4.46 -36.03
N ILE C 247 8.75 -5.34 -35.03
CA ILE C 247 9.50 -6.59 -35.04
C ILE C 247 8.58 -7.79 -35.21
N TYR C 248 7.79 -8.06 -34.18
CA TYR C 248 6.86 -9.18 -34.17
C TYR C 248 6.13 -9.25 -32.84
N GLN C 249 5.10 -10.07 -32.77
CA GLN C 249 4.35 -10.25 -31.54
C GLN C 249 5.29 -10.93 -30.55
N ALA C 250 5.43 -10.33 -29.36
CA ALA C 250 6.30 -10.86 -28.31
C ALA C 250 5.64 -10.58 -26.97
N SER C 251 5.46 -11.62 -26.16
CA SER C 251 4.82 -11.48 -24.87
C SER C 251 5.79 -11.49 -23.69
N GLY C 252 5.31 -11.02 -22.54
CA GLY C 252 6.12 -10.99 -21.34
C GLY C 252 7.27 -10.01 -21.36
N GLY C 253 7.16 -8.96 -22.18
CA GLY C 253 8.23 -7.97 -22.29
C GLY C 253 8.22 -6.91 -21.19
N SER C 254 9.41 -6.38 -20.89
CA SER C 254 9.55 -5.38 -19.83
C SER C 254 8.76 -4.08 -19.99
N ILE C 255 8.81 -3.45 -21.15
CA ILE C 255 8.10 -2.19 -21.33
C ILE C 255 6.59 -2.34 -21.42
N ASP C 256 6.11 -3.55 -21.72
CA ASP C 256 4.67 -3.75 -21.77
C ASP C 256 4.19 -3.75 -20.32
N TRP C 257 5.00 -4.36 -19.45
CA TRP C 257 4.67 -4.39 -18.03
C TRP C 257 4.79 -3.00 -17.41
N SER C 258 5.87 -2.29 -17.69
CA SER C 258 6.07 -0.96 -17.11
C SER C 258 5.01 0.02 -17.56
N TYR C 259 4.64 -0.03 -18.83
CA TYR C 259 3.61 0.88 -19.34
C TYR C 259 2.30 0.57 -18.62
N ASN C 260 2.01 -0.71 -18.43
CA ASN C 260 0.76 -1.11 -17.75
C ASN C 260 0.74 -0.74 -16.28
N GLN C 261 1.90 -0.35 -15.73
CA GLN C 261 2.00 0.06 -14.34
C GLN C 261 1.72 1.57 -14.25
N GLY C 262 1.59 2.19 -15.42
CA GLY C 262 1.32 3.63 -15.45
C GLY C 262 2.55 4.46 -15.78
N ILE C 263 3.64 3.80 -16.16
CA ILE C 263 4.87 4.51 -16.52
C ILE C 263 4.82 4.81 -18.01
N LYS C 264 4.37 6.03 -18.31
CA LYS C 264 4.18 6.53 -19.66
C LYS C 264 5.33 6.41 -20.65
N TYR C 265 6.48 6.93 -20.27
CA TYR C 265 7.63 6.91 -21.16
C TYR C 265 8.41 5.62 -21.07
N SER C 266 7.81 4.56 -21.62
CA SER C 266 8.41 3.22 -21.65
C SER C 266 8.87 2.94 -23.08
N PHE C 267 10.18 2.74 -23.23
CA PHE C 267 10.77 2.48 -24.54
C PHE C 267 11.85 1.41 -24.44
N THR C 268 12.05 0.68 -25.54
CA THR C 268 13.11 -0.33 -25.58
C THR C 268 14.01 0.03 -26.75
N PHE C 269 15.31 0.02 -26.50
CA PHE C 269 16.30 0.32 -27.52
C PHE C 269 17.00 -0.97 -27.98
N GLU C 270 17.16 -1.13 -29.28
CA GLU C 270 17.89 -2.29 -29.82
C GLU C 270 19.07 -1.57 -30.48
N LEU C 271 20.24 -1.68 -29.87
CA LEU C 271 21.41 -0.98 -30.35
C LEU C 271 22.05 -1.42 -31.66
N ARG C 272 23.17 -0.75 -31.92
CA ARG C 272 23.97 -0.90 -33.12
C ARG C 272 24.18 -2.18 -33.84
N ASP C 273 24.36 -1.99 -35.14
CA ASP C 273 24.60 -3.03 -36.10
C ASP C 273 23.27 -3.64 -36.51
N THR C 274 23.12 -3.89 -37.79
CA THR C 274 21.90 -4.48 -38.30
C THR C 274 22.17 -5.92 -38.71
N GLY C 275 23.35 -6.42 -38.39
CA GLY C 275 23.66 -7.80 -38.74
C GLY C 275 25.06 -8.15 -39.18
N ARG C 276 25.88 -7.16 -39.54
CA ARG C 276 27.24 -7.49 -39.96
C ARG C 276 27.98 -8.23 -38.86
N TYR C 277 27.95 -7.68 -37.65
CA TYR C 277 28.61 -8.30 -36.51
C TYR C 277 27.60 -8.89 -35.52
N GLY C 278 26.38 -8.37 -35.56
CA GLY C 278 25.35 -8.87 -34.66
C GLY C 278 25.72 -8.68 -33.21
N PHE C 279 25.64 -9.75 -32.42
CA PHE C 279 25.95 -9.67 -31.00
C PHE C 279 27.44 -9.47 -30.75
N LEU C 280 28.26 -9.88 -31.71
CA LEU C 280 29.70 -9.75 -31.58
C LEU C 280 30.20 -8.42 -32.12
N LEU C 281 29.59 -7.33 -31.70
CA LEU C 281 29.98 -5.99 -32.14
C LEU C 281 31.41 -5.69 -31.65
N PRO C 282 32.26 -5.15 -32.55
CA PRO C 282 33.64 -4.81 -32.19
C PRO C 282 33.73 -3.75 -31.09
N ALA C 283 34.71 -3.92 -30.21
CA ALA C 283 34.91 -2.99 -29.11
C ALA C 283 35.13 -1.56 -29.61
N SER C 284 35.65 -1.43 -30.83
CA SER C 284 35.90 -0.10 -31.39
C SER C 284 34.61 0.68 -31.61
N GLN C 285 33.47 0.00 -31.52
CA GLN C 285 32.18 0.65 -31.70
C GLN C 285 31.48 0.94 -30.38
N ILE C 286 32.08 0.52 -29.28
CA ILE C 286 31.47 0.76 -27.97
C ILE C 286 31.22 2.25 -27.69
N ILE C 287 32.29 3.05 -27.71
CA ILE C 287 32.13 4.48 -27.43
C ILE C 287 31.20 5.22 -28.39
N PRO C 288 31.34 5.01 -29.70
CA PRO C 288 30.46 5.70 -30.66
C PRO C 288 29.00 5.33 -30.44
N THR C 289 28.75 4.05 -30.16
CA THR C 289 27.39 3.57 -29.91
C THR C 289 26.85 4.24 -28.66
N ALA C 290 27.64 4.22 -27.60
CA ALA C 290 27.25 4.83 -26.33
C ALA C 290 26.95 6.31 -26.49
N GLN C 291 27.83 7.02 -27.18
CA GLN C 291 27.65 8.47 -27.40
C GLN C 291 26.33 8.80 -28.10
N GLU C 292 26.08 8.17 -29.24
CA GLU C 292 24.85 8.41 -30.01
C GLU C 292 23.61 7.95 -29.27
N THR C 293 23.70 6.83 -28.56
CA THR C 293 22.56 6.31 -27.83
C THR C 293 22.20 7.29 -26.72
N TRP C 294 23.21 7.87 -26.09
CA TRP C 294 22.99 8.84 -25.02
C TRP C 294 22.10 10.00 -25.49
N LEU C 295 22.37 10.51 -26.69
CA LEU C 295 21.57 11.61 -27.23
C LEU C 295 20.11 11.21 -27.33
N GLY C 296 19.87 9.96 -27.72
CA GLY C 296 18.50 9.48 -27.84
C GLY C 296 17.85 9.36 -26.48
N VAL C 297 18.61 8.84 -25.51
CA VAL C 297 18.12 8.67 -24.16
C VAL C 297 17.86 10.02 -23.52
N LEU C 298 18.82 10.94 -23.65
CA LEU C 298 18.66 12.28 -23.10
C LEU C 298 17.37 12.90 -23.62
N THR C 299 17.11 12.70 -24.91
CA THR C 299 15.91 13.25 -25.54
C THR C 299 14.64 12.80 -24.83
N ILE C 300 14.57 11.51 -24.50
CA ILE C 300 13.41 10.97 -23.81
C ILE C 300 13.29 11.56 -22.42
N MET C 301 14.41 11.64 -21.70
CA MET C 301 14.43 12.21 -20.36
C MET C 301 13.91 13.65 -20.37
N GLU C 302 14.26 14.41 -21.41
CA GLU C 302 13.82 15.79 -21.52
C GLU C 302 12.31 15.89 -21.63
N HIS C 303 11.70 14.96 -22.36
CA HIS C 303 10.25 14.94 -22.53
C HIS C 303 9.58 14.49 -21.24
N THR C 304 10.30 13.69 -20.46
CA THR C 304 9.79 13.16 -19.20
C THR C 304 9.74 14.23 -18.11
N VAL C 305 10.76 15.08 -18.07
CA VAL C 305 10.84 16.13 -17.06
C VAL C 305 9.83 17.27 -17.28
N ASN C 306 9.40 17.46 -18.52
CA ASN C 306 8.44 18.53 -18.83
C ASN C 306 7.01 18.05 -18.95
N ASN C 307 6.79 16.76 -18.70
CA ASN C 307 5.45 16.19 -18.79
C ASN C 307 5.24 15.09 -17.75
ZN ZN D . -21.66 5.54 -6.74
CAJ BPX E . -27.89 5.76 -9.05
CAI BPX E . -28.87 6.31 -8.22
CAE BPX E . -28.55 7.37 -7.38
CAD BPX E . -27.25 7.88 -7.38
CAL BPX E . -26.28 7.32 -8.21
CAK BPX E . -26.61 6.26 -9.04
CAF BPX E . -25.53 5.66 -9.95
CAB BPX E . -24.81 4.49 -9.26
CAC BPX E . -25.74 3.28 -9.09
OAO BPX E . -25.36 2.38 -8.33
OAN BPX E . -26.82 3.31 -9.74
CAA BPX E . -23.59 4.06 -10.08
CAG BPX E . -22.32 4.55 -9.39
OAP BPX E . -22.39 5.96 -9.17
OAQ BPX E . -22.20 3.88 -8.13
CAH BPX E . -21.09 4.21 -10.25
NAM BPX E . -20.86 2.75 -10.23
OAS BPX E . -20.06 2.17 -9.22
OAR BPX E . -21.43 1.94 -11.25
ZN ZN F . -1.75 -4.21 16.97
CAJ BPX G . 0.09 -4.69 10.43
CAI BPX G . 1.36 -5.17 10.17
CAE BPX G . 1.93 -6.13 11.00
CAD BPX G . 1.22 -6.61 12.09
CAL BPX G . -0.06 -6.14 12.35
CAK BPX G . -0.62 -5.17 11.53
CAF BPX G . -2.03 -4.64 11.83
CAB BPX G . -1.99 -3.45 12.80
CAC BPX G . -1.38 -2.23 12.11
OAO BPX G . -0.91 -1.34 12.85
OAN BPX G . -1.40 -2.20 10.86
CAA BPX G . -3.39 -3.10 13.27
CAG BPX G . -3.51 -3.44 14.76
OAP BPX G . -3.23 -4.82 14.98
OAQ BPX G . -2.55 -2.64 15.48
CAH BPX G . -4.91 -3.11 15.27
NAM BPX G . -5.11 -1.65 15.30
OAS BPX G . -4.94 -0.94 16.53
OAR BPX G . -5.46 -0.95 14.12
ZN ZN H . 17.77 -8.36 -25.95
CAJ BPX I . 11.39 -7.86 -28.41
CAI BPX I . 10.48 -7.24 -27.54
CAE BPX I . 10.90 -6.17 -26.76
CAD BPX I . 12.21 -5.73 -26.83
CAL BPX I . 13.11 -6.35 -27.69
CAK BPX I . 12.70 -7.42 -28.48
CAF BPX I . 13.71 -8.11 -29.39
CAB BPX I . 14.54 -9.13 -28.61
CAC BPX I . 13.69 -10.36 -28.27
OAO BPX I . 14.21 -11.22 -27.53
OAN BPX I . 12.53 -10.41 -28.76
CAA BPX I . 15.74 -9.58 -29.44
CAG BPX I . 17.02 -9.30 -28.65
OAP BPX I . 17.14 -7.89 -28.41
OAQ BPX I . 16.94 -9.97 -27.38
CAH BPX I . 18.25 -9.80 -29.42
NAM BPX I . 18.32 -11.26 -29.32
OAS BPX I . 19.08 -11.86 -28.28
OAR BPX I . 17.63 -12.08 -30.26
#